data_6XDD
#
_entry.id   6XDD
#
_cell.length_a   47.201
_cell.length_b   156.816
_cell.length_c   157.766
_cell.angle_alpha   90.000
_cell.angle_beta   90.000
_cell.angle_gamma   90.000
#
_symmetry.space_group_name_H-M   'P 21 21 21'
#
loop_
_entity.id
_entity.type
_entity.pdbx_description
1 polymer 'Serine/threonine-protein kinase/endoribonuclease IRE1'
2 non-polymer 4-[(trans-4-aminocyclohexyl)amino]-N-(6-chloro-3-{[(2,5-difluorophenyl)sulfonyl]amino}-2-fluorophenyl)thieno[3,2-d]pyrimidine-7-carboxamide
3 water water
#
_entity_poly.entity_id   1
_entity_poly.type   'polypeptide(L)'
_entity_poly.pdbx_seq_one_letter_code
;GSSPSLEQDDGDEETSVVIVGKISFCPKDVLGHGAEGTIVYRGMFDNRDVAVKRILPECFSFADREVQLLRESDEHPNVI
RYFCTEKDRQFQYIAIELCAATLQEYVEQKDFAHLGLEPITLLQQTTSGLAHLHSLNIVHRDLKPHNILISMPNAHGKIK
AMISDFGLCKKLAVGRH(SEP)F(SEP)RR(SEP)GVPGTEGWIAPEMLSEDCKENPTYTVDIFSAGCVFYYVISEGSHP
FGKSLQRQANILLGACSLDCLHPEKHEDVIARELIEKMIAMDPQKRPSAKHVLKHPFFWSLEKQLQFFQDVSDRIEKESL
DGPIVKQLERGGRAVVKMDWRENITVPLQTDLRKFRTYKGGSVRDLLRAMRNKKHHYRELPAEVRETLGSLPDDFVCYFT
SRFPHLLAHTYRAMELCSHERLFQPYYFHEPPEPQPPVTPDALGNS
;
_entity_poly.pdbx_strand_id   A,B
#
loop_
_chem_comp.id
_chem_comp.type
_chem_comp.name
_chem_comp.formula
N97 non-polymer 4-[(trans-4-aminocyclohexyl)amino]-N-(6-chloro-3-{[(2,5-difluorophenyl)sulfonyl]amino}-2-fluorophenyl)thieno[3,2-d]pyrimidine-7-carboxamide 'C25 H22 Cl F3 N6 O3 S2'
#
# COMPACT_ATOMS: atom_id res chain seq x y z
N GLU A 14 -20.31 39.29 -15.80
CA GLU A 14 -20.57 39.35 -17.24
C GLU A 14 -19.56 38.49 -18.01
N THR A 15 -19.52 37.20 -17.68
CA THR A 15 -18.58 36.26 -18.29
C THR A 15 -19.35 35.12 -18.94
N SER A 16 -18.85 34.65 -20.09
CA SER A 16 -19.61 33.74 -20.94
C SER A 16 -19.35 32.28 -20.57
N VAL A 17 -20.38 31.47 -20.75
CA VAL A 17 -20.36 30.05 -20.41
C VAL A 17 -20.71 29.25 -21.66
N VAL A 18 -19.88 28.25 -21.97
CA VAL A 18 -20.14 27.31 -23.05
C VAL A 18 -20.62 26.01 -22.44
N ILE A 19 -21.68 25.44 -23.02
CA ILE A 19 -22.21 24.15 -22.57
C ILE A 19 -22.24 23.22 -23.77
N VAL A 20 -21.54 22.08 -23.65
CA VAL A 20 -21.55 21.03 -24.66
C VAL A 20 -21.93 19.75 -23.93
N GLY A 21 -23.18 19.34 -24.07
CA GLY A 21 -23.66 18.17 -23.35
C GLY A 21 -23.55 18.38 -21.85
N LYS A 22 -23.00 17.40 -21.15
CA LYS A 22 -22.86 17.49 -19.71
C LYS A 22 -21.60 18.20 -19.27
N ILE A 23 -20.75 18.63 -20.22
CA ILE A 23 -19.56 19.43 -19.97
C ILE A 23 -19.89 20.91 -20.17
N SER A 24 -19.35 21.76 -19.30
CA SER A 24 -19.44 23.21 -19.44
C SER A 24 -18.11 23.82 -19.01
N PHE A 25 -17.85 25.04 -19.50
CA PHE A 25 -16.63 25.76 -19.16
C PHE A 25 -16.78 27.23 -19.52
N CYS A 26 -15.95 28.06 -18.88
CA CYS A 26 -15.86 29.48 -19.22
C CYS A 26 -14.59 29.70 -20.03
N PRO A 27 -14.70 30.17 -21.28
CA PRO A 27 -13.49 30.31 -22.12
C PRO A 27 -12.48 31.32 -21.60
N LYS A 28 -12.85 32.16 -20.63
CA LYS A 28 -11.86 33.03 -19.99
C LYS A 28 -10.89 32.24 -19.11
N ASP A 29 -11.31 31.06 -18.62
CA ASP A 29 -10.50 30.27 -17.71
C ASP A 29 -9.62 29.27 -18.49
N VAL A 30 -8.74 29.80 -19.30
CA VAL A 30 -7.80 28.98 -20.05
C VAL A 30 -6.70 28.50 -19.11
N LEU A 31 -6.35 27.21 -19.22
CA LEU A 31 -5.26 26.63 -18.44
C LEU A 31 -4.02 26.31 -19.27
N GLY A 32 -4.14 26.19 -20.59
CA GLY A 32 -2.98 25.88 -21.41
C GLY A 32 -3.35 25.81 -22.88
N HIS A 33 -2.31 25.91 -23.72
CA HIS A 33 -2.42 25.80 -25.16
C HIS A 33 -1.45 24.72 -25.67
N GLY A 34 -1.66 24.30 -26.91
CA GLY A 34 -0.83 23.26 -27.47
C GLY A 34 -0.94 23.16 -28.97
N ALA A 35 -0.36 22.07 -29.50
CA ALA A 35 -0.34 21.84 -30.93
C ALA A 35 -1.71 21.37 -31.42
N GLU A 36 -1.89 21.47 -32.74
CA GLU A 36 -3.15 21.13 -33.41
C GLU A 36 -4.32 21.99 -32.91
N GLY A 37 -4.04 23.21 -32.48
CA GLY A 37 -5.09 24.09 -31.97
C GLY A 37 -5.69 23.64 -30.66
N THR A 38 -4.86 23.13 -29.75
CA THR A 38 -5.31 22.56 -28.48
C THR A 38 -5.49 23.64 -27.42
N ILE A 39 -6.62 23.59 -26.72
CA ILE A 39 -6.89 24.51 -25.62
C ILE A 39 -7.48 23.73 -24.44
N VAL A 40 -6.97 23.98 -23.24
CA VAL A 40 -7.48 23.37 -22.01
C VAL A 40 -8.13 24.46 -21.18
N TYR A 41 -9.34 24.19 -20.69
CA TYR A 41 -10.08 25.11 -19.85
C TYR A 41 -10.39 24.47 -18.51
N ARG A 42 -10.62 25.32 -17.50
CA ARG A 42 -11.27 24.86 -16.30
C ARG A 42 -12.79 24.88 -16.52
N GLY A 43 -13.46 23.80 -16.12
CA GLY A 43 -14.90 23.70 -16.34
C GLY A 43 -15.60 22.84 -15.31
N MET A 44 -16.81 22.36 -15.62
CA MET A 44 -17.55 21.51 -14.69
C MET A 44 -18.20 20.33 -15.41
N PHE A 45 -18.40 19.26 -14.65
CA PHE A 45 -19.12 18.08 -15.10
C PHE A 45 -19.77 17.47 -13.87
N ASP A 46 -21.08 17.24 -13.94
CA ASP A 46 -21.84 16.65 -12.84
C ASP A 46 -21.54 17.36 -11.51
N ASN A 47 -21.30 18.68 -11.59
CA ASN A 47 -21.02 19.55 -10.45
C ASN A 47 -19.66 19.33 -9.81
N ARG A 48 -18.69 18.74 -10.53
CA ARG A 48 -17.30 18.72 -10.11
C ARG A 48 -16.47 19.72 -10.91
N ASP A 49 -15.44 20.26 -10.28
CA ASP A 49 -14.42 20.97 -11.03
C ASP A 49 -13.61 19.98 -11.85
N VAL A 50 -13.40 20.30 -13.12
CA VAL A 50 -12.68 19.44 -14.05
C VAL A 50 -11.82 20.32 -14.96
N ALA A 51 -10.85 19.70 -15.60
CA ALA A 51 -10.18 20.31 -16.74
C ALA A 51 -10.82 19.79 -18.02
N VAL A 52 -11.00 20.68 -18.99
CA VAL A 52 -11.67 20.36 -20.25
C VAL A 52 -10.69 20.67 -21.38
N LYS A 53 -10.41 19.68 -22.21
CA LYS A 53 -9.52 19.82 -23.35
C LYS A 53 -10.33 19.76 -24.63
N ARG A 54 -10.12 20.74 -25.51
CA ARG A 54 -10.81 20.81 -26.78
C ARG A 54 -9.86 20.46 -27.91
N ILE A 55 -10.27 19.52 -28.76
CA ILE A 55 -9.46 19.09 -29.89
C ILE A 55 -10.32 19.16 -31.16
N LEU A 56 -9.64 19.03 -32.31
CA LEU A 56 -10.21 19.30 -33.62
C LEU A 56 -10.78 18.04 -34.27
N PRO A 57 -11.58 18.18 -35.34
CA PRO A 57 -12.05 16.99 -36.07
C PRO A 57 -10.92 16.07 -36.52
N GLU A 58 -9.77 16.63 -36.89
CA GLU A 58 -8.57 15.88 -37.25
C GLU A 58 -7.99 15.08 -36.09
N CYS A 59 -8.74 14.95 -34.99
CA CYS A 59 -8.32 14.15 -33.85
C CYS A 59 -9.41 13.23 -33.30
N PHE A 60 -10.65 13.31 -33.82
CA PHE A 60 -11.71 12.39 -33.42
C PHE A 60 -11.24 10.94 -33.48
N SER A 61 -10.46 10.60 -34.52
CA SER A 61 -9.98 9.24 -34.70
C SER A 61 -9.01 8.84 -33.60
N PHE A 62 -7.97 9.65 -33.39
CA PHE A 62 -7.05 9.38 -32.29
C PHE A 62 -7.79 9.35 -30.95
N ALA A 63 -8.64 10.35 -30.71
CA ALA A 63 -9.11 10.66 -29.36
C ALA A 63 -9.84 9.47 -28.74
N ASP A 64 -10.78 8.87 -29.47
CA ASP A 64 -11.62 7.81 -28.92
C ASP A 64 -10.78 6.61 -28.50
N ARG A 65 -9.83 6.21 -29.33
CA ARG A 65 -8.92 5.12 -28.99
C ARG A 65 -8.19 5.41 -27.68
N GLU A 66 -7.73 6.66 -27.50
CA GLU A 66 -6.96 7.01 -26.32
C GLU A 66 -7.83 7.21 -25.09
N VAL A 67 -9.04 7.76 -25.26
CA VAL A 67 -9.95 7.86 -24.13
C VAL A 67 -10.26 6.48 -23.55
N GLN A 68 -10.43 5.49 -24.43
CA GLN A 68 -10.68 4.13 -23.96
C GLN A 68 -9.50 3.58 -23.16
N LEU A 69 -8.27 3.88 -23.60
CA LEU A 69 -7.12 3.42 -22.84
C LEU A 69 -7.02 4.13 -21.49
N LEU A 70 -7.39 5.40 -21.44
CA LEU A 70 -7.44 6.10 -20.16
C LEU A 70 -8.53 5.52 -19.25
N ARG A 71 -9.65 5.10 -19.84
CA ARG A 71 -10.75 4.52 -19.08
C ARG A 71 -10.40 3.14 -18.54
N GLU A 72 -9.48 2.43 -19.17
CA GLU A 72 -9.02 1.13 -18.68
C GLU A 72 -7.92 1.23 -17.63
N SER A 73 -7.30 2.40 -17.48
CA SER A 73 -6.19 2.60 -16.58
C SER A 73 -6.50 3.44 -15.35
N ASP A 74 -7.61 4.19 -15.35
CA ASP A 74 -7.71 5.34 -14.45
C ASP A 74 -8.05 4.98 -13.01
N GLU A 75 -8.30 3.70 -12.68
CA GLU A 75 -8.62 3.32 -11.31
C GLU A 75 -7.41 3.39 -10.37
N HIS A 76 -6.20 3.28 -10.92
CA HIS A 76 -5.00 3.47 -10.12
C HIS A 76 -4.93 4.91 -9.60
N PRO A 77 -4.53 5.12 -8.34
CA PRO A 77 -4.55 6.48 -7.77
C PRO A 77 -3.58 7.46 -8.41
N ASN A 78 -2.59 6.98 -9.15
CA ASN A 78 -1.58 7.85 -9.75
C ASN A 78 -1.73 7.88 -11.28
N VAL A 79 -2.93 7.62 -11.76
CA VAL A 79 -3.31 7.85 -13.14
C VAL A 79 -4.49 8.81 -13.14
N ILE A 80 -4.40 9.87 -13.95
CA ILE A 80 -5.44 10.90 -13.99
C ILE A 80 -6.81 10.24 -14.22
N ARG A 81 -7.81 10.75 -13.53
CA ARG A 81 -9.16 10.19 -13.61
C ARG A 81 -9.95 10.90 -14.71
N TYR A 82 -10.44 10.13 -15.67
CA TYR A 82 -11.30 10.64 -16.73
C TYR A 82 -12.75 10.67 -16.26
N PHE A 83 -13.50 11.64 -16.76
CA PHE A 83 -14.88 11.80 -16.31
C PHE A 83 -15.90 11.72 -17.46
N CYS A 84 -15.69 12.43 -18.56
CA CYS A 84 -16.70 12.46 -19.61
C CYS A 84 -16.11 12.99 -20.89
N THR A 85 -16.69 12.57 -22.01
CA THR A 85 -16.33 13.11 -23.31
C THR A 85 -17.58 13.47 -24.10
N GLU A 86 -17.54 14.61 -24.76
CA GLU A 86 -18.67 15.12 -25.52
C GLU A 86 -18.22 15.45 -26.94
N LYS A 87 -19.03 15.03 -27.92
CA LYS A 87 -18.80 15.33 -29.32
C LYS A 87 -19.64 16.55 -29.69
N ASP A 88 -19.02 17.50 -30.35
CA ASP A 88 -19.66 18.75 -30.69
C ASP A 88 -19.72 18.90 -32.21
N ARG A 89 -20.72 19.64 -32.68
CA ARG A 89 -20.93 19.84 -34.12
C ARG A 89 -19.69 20.44 -34.79
N GLN A 90 -18.62 20.69 -34.01
CA GLN A 90 -17.37 21.20 -34.54
C GLN A 90 -16.15 20.53 -33.89
N PHE A 91 -16.16 20.36 -32.57
CA PHE A 91 -14.99 19.90 -31.80
C PHE A 91 -15.32 18.64 -31.01
N GLN A 92 -14.29 18.10 -30.33
CA GLN A 92 -14.44 17.08 -29.32
C GLN A 92 -13.87 17.58 -27.99
N TYR A 93 -14.51 17.26 -26.89
CA TYR A 93 -14.15 17.79 -25.57
C TYR A 93 -13.98 16.63 -24.58
N ILE A 94 -12.87 16.65 -23.84
CA ILE A 94 -12.54 15.60 -22.89
C ILE A 94 -12.35 16.23 -21.52
N ALA A 95 -13.14 15.76 -20.54
CA ALA A 95 -13.10 16.30 -19.19
C ALA A 95 -12.39 15.32 -18.28
N ILE A 96 -11.35 15.78 -17.59
CA ILE A 96 -10.64 14.96 -16.61
C ILE A 96 -10.57 15.72 -15.29
N GLU A 97 -10.06 15.01 -14.27
CA GLU A 97 -9.91 15.55 -12.93
C GLU A 97 -9.08 16.83 -12.95
N LEU A 98 -9.62 17.88 -12.35
CA LEU A 98 -8.90 19.15 -12.28
C LEU A 98 -7.72 19.04 -11.32
N CYS A 99 -6.55 19.48 -11.74
CA CYS A 99 -5.31 19.38 -10.98
C CYS A 99 -4.77 20.77 -10.66
N ALA A 100 -3.84 20.81 -9.70
CA ALA A 100 -3.31 22.10 -9.27
C ALA A 100 -2.06 22.51 -10.02
N ALA A 101 -1.25 21.58 -10.49
CA ALA A 101 0.03 21.93 -11.08
C ALA A 101 0.56 20.75 -11.90
N THR A 102 1.58 21.04 -12.69
CA THR A 102 2.39 20.01 -13.31
C THR A 102 3.59 19.71 -12.44
N LEU A 103 4.24 18.57 -12.72
CA LEU A 103 5.53 18.30 -12.09
C LEU A 103 6.53 19.40 -12.40
N GLN A 104 6.48 19.93 -13.63
CA GLN A 104 7.38 21.02 -14.01
C GLN A 104 7.27 22.19 -13.03
N GLU A 105 6.04 22.63 -12.76
CA GLU A 105 5.86 23.74 -11.83
C GLU A 105 6.35 23.37 -10.44
N TYR A 106 6.11 22.13 -10.03
CA TYR A 106 6.57 21.66 -8.72
C TYR A 106 8.09 21.80 -8.60
N VAL A 107 8.82 21.48 -9.67
CA VAL A 107 10.27 21.49 -9.63
C VAL A 107 10.82 22.91 -9.74
N GLU A 108 10.19 23.74 -10.57
CA GLU A 108 10.77 25.03 -10.91
C GLU A 108 10.26 26.19 -10.05
N GLN A 109 9.09 26.06 -9.43
CA GLN A 109 8.59 27.13 -8.58
C GLN A 109 9.27 27.11 -7.20
N LYS A 110 9.58 28.30 -6.71
CA LYS A 110 10.52 28.47 -5.60
C LYS A 110 10.02 27.81 -4.33
N ASP A 111 8.91 28.32 -3.78
CA ASP A 111 8.42 27.82 -2.51
C ASP A 111 7.17 26.97 -2.68
N PHE A 112 7.22 26.02 -3.60
CA PHE A 112 6.10 25.12 -3.87
C PHE A 112 5.85 24.25 -2.64
N ALA A 113 4.75 24.52 -1.94
CA ALA A 113 4.39 23.72 -0.77
C ALA A 113 4.23 22.25 -1.16
N HIS A 114 5.05 21.39 -0.54
CA HIS A 114 5.02 19.97 -0.85
C HIS A 114 3.78 19.28 -0.30
N LEU A 115 3.16 19.85 0.74
CA LEU A 115 1.90 19.36 1.31
C LEU A 115 1.96 17.86 1.63
N GLY A 116 2.99 17.47 2.37
CA GLY A 116 3.19 16.07 2.70
C GLY A 116 3.49 15.19 1.51
N LEU A 117 4.21 15.72 0.51
CA LEU A 117 4.59 14.94 -0.67
C LEU A 117 5.97 15.43 -1.10
N GLU A 118 6.99 14.64 -0.83
CA GLU A 118 8.36 15.01 -1.13
C GLU A 118 8.87 14.29 -2.37
N PRO A 119 9.99 14.73 -2.96
CA PRO A 119 10.36 14.24 -4.31
C PRO A 119 10.38 12.72 -4.49
N ILE A 120 10.83 11.98 -3.49
CA ILE A 120 10.95 10.53 -3.63
C ILE A 120 9.58 9.89 -3.71
N THR A 121 8.64 10.31 -2.84
CA THR A 121 7.30 9.75 -2.89
C THR A 121 6.63 10.06 -4.22
N LEU A 122 6.88 11.25 -4.75
CA LEU A 122 6.35 11.62 -6.05
C LEU A 122 6.88 10.69 -7.15
N LEU A 123 8.19 10.42 -7.14
CA LEU A 123 8.75 9.57 -8.18
C LEU A 123 8.25 8.14 -8.04
N GLN A 124 8.09 7.69 -6.80
CA GLN A 124 7.58 6.33 -6.56
C GLN A 124 6.11 6.23 -6.94
N GLN A 125 5.34 7.31 -6.71
CA GLN A 125 3.95 7.32 -7.17
C GLN A 125 3.87 7.27 -8.68
N THR A 126 4.71 8.07 -9.36
CA THR A 126 4.76 8.08 -10.81
C THR A 126 5.11 6.71 -11.36
N THR A 127 6.12 6.06 -10.77
CA THR A 127 6.54 4.74 -11.25
C THR A 127 5.46 3.69 -10.98
N SER A 128 4.75 3.82 -9.85
CA SER A 128 3.61 2.94 -9.58
C SER A 128 2.55 3.07 -10.66
N GLY A 129 2.21 4.30 -11.02
CA GLY A 129 1.30 4.51 -12.15
C GLY A 129 1.83 3.90 -13.44
N LEU A 130 3.11 4.13 -13.73
CA LEU A 130 3.71 3.57 -14.94
C LEU A 130 3.65 2.06 -14.93
N ALA A 131 3.99 1.42 -13.79
CA ALA A 131 3.95 -0.03 -13.70
C ALA A 131 2.54 -0.55 -13.90
N HIS A 132 1.54 0.19 -13.42
CA HIS A 132 0.15 -0.18 -13.67
C HIS A 132 -0.15 -0.21 -15.17
N LEU A 133 0.24 0.86 -15.88
CA LEU A 133 0.05 0.90 -17.34
C LEU A 133 0.70 -0.30 -18.02
N HIS A 134 2.01 -0.51 -17.79
CA HIS A 134 2.70 -1.60 -18.48
C HIS A 134 2.10 -2.96 -18.16
N SER A 135 1.56 -3.15 -16.94
CA SER A 135 0.91 -4.41 -16.61
C SER A 135 -0.42 -4.58 -17.34
N LEU A 136 -1.00 -3.50 -17.86
CA LEU A 136 -2.12 -3.56 -18.78
C LEU A 136 -1.67 -3.59 -20.24
N ASN A 137 -0.38 -3.80 -20.49
CA ASN A 137 0.18 -3.79 -21.83
C ASN A 137 -0.05 -2.45 -22.53
N ILE A 138 -0.01 -1.36 -21.76
CA ILE A 138 -0.12 -0.01 -22.30
C ILE A 138 1.23 0.69 -22.10
N VAL A 139 1.83 1.10 -23.21
CA VAL A 139 3.00 1.97 -23.20
C VAL A 139 2.53 3.41 -23.31
N HIS A 140 3.11 4.30 -22.51
CA HIS A 140 2.66 5.68 -22.50
C HIS A 140 3.24 6.48 -23.67
N ARG A 141 4.57 6.45 -23.82
CA ARG A 141 5.36 7.00 -24.93
C ARG A 141 5.49 8.53 -24.93
N ASP A 142 4.95 9.23 -23.93
CA ASP A 142 5.10 10.69 -23.87
C ASP A 142 5.28 11.14 -22.42
N LEU A 143 6.20 10.49 -21.72
CA LEU A 143 6.42 10.78 -20.31
C LEU A 143 7.39 11.96 -20.17
N LYS A 144 6.98 13.00 -19.47
CA LYS A 144 7.82 14.17 -19.25
C LYS A 144 7.17 15.00 -18.15
N PRO A 145 7.90 15.96 -17.56
CA PRO A 145 7.33 16.68 -16.41
C PRO A 145 6.06 17.43 -16.71
N HIS A 146 5.89 17.90 -17.95
CA HIS A 146 4.71 18.69 -18.28
C HIS A 146 3.41 17.89 -18.18
N ASN A 147 3.47 16.57 -18.31
CA ASN A 147 2.24 15.79 -18.26
C ASN A 147 2.26 14.76 -17.13
N ILE A 148 2.99 15.07 -16.07
CA ILE A 148 2.73 14.54 -14.74
C ILE A 148 2.10 15.67 -13.95
N LEU A 149 0.90 15.44 -13.42
CA LEU A 149 0.16 16.49 -12.74
C LEU A 149 0.19 16.28 -11.23
N ILE A 150 0.06 17.37 -10.49
CA ILE A 150 -0.02 17.37 -9.03
C ILE A 150 -1.45 17.68 -8.63
N SER A 151 -2.03 16.83 -7.78
CA SER A 151 -3.45 16.93 -7.45
C SER A 151 -3.75 18.16 -6.61
N MET A 152 -5.03 18.53 -6.58
CA MET A 152 -5.53 19.40 -5.53
C MET A 152 -5.43 18.67 -4.20
N PRO A 153 -5.23 19.40 -3.10
CA PRO A 153 -5.21 18.74 -1.78
C PRO A 153 -6.53 18.05 -1.49
N ASN A 154 -6.44 16.87 -0.87
CA ASN A 154 -7.63 16.13 -0.48
C ASN A 154 -8.16 16.69 0.83
N ALA A 155 -9.16 16.03 1.43
CA ALA A 155 -9.74 16.52 2.67
C ALA A 155 -8.74 16.58 3.81
N HIS A 156 -7.69 15.75 3.78
CA HIS A 156 -6.65 15.78 4.79
C HIS A 156 -5.48 16.67 4.42
N GLY A 157 -5.60 17.46 3.35
CA GLY A 157 -4.53 18.35 2.95
C GLY A 157 -3.40 17.72 2.17
N LYS A 158 -3.53 16.45 1.78
CA LYS A 158 -2.44 15.74 1.11
C LYS A 158 -2.61 15.79 -0.40
N ILE A 159 -1.49 15.75 -1.12
CA ILE A 159 -1.46 15.79 -2.57
C ILE A 159 -0.70 14.57 -3.09
N LYS A 160 -0.85 14.33 -4.39
CA LYS A 160 -0.22 13.20 -5.04
C LYS A 160 0.04 13.56 -6.50
N ALA A 161 0.85 12.74 -7.14
CA ALA A 161 1.21 12.93 -8.54
C ALA A 161 0.43 11.97 -9.41
N MET A 162 0.11 12.41 -10.61
CA MET A 162 -0.69 11.60 -11.52
C MET A 162 -0.14 11.73 -12.93
N ILE A 163 -0.05 10.59 -13.61
CA ILE A 163 0.25 10.58 -15.04
C ILE A 163 -0.97 11.02 -15.84
N SER A 164 -0.78 11.87 -16.84
CA SER A 164 -1.85 12.18 -17.79
C SER A 164 -1.27 12.24 -19.19
N ASP A 165 -1.98 12.95 -20.07
CA ASP A 165 -1.61 13.08 -21.48
C ASP A 165 -1.44 11.70 -22.12
N PHE A 166 -2.55 10.98 -22.18
CA PHE A 166 -2.60 9.64 -22.74
C PHE A 166 -2.86 9.65 -24.25
N GLY A 167 -2.67 10.81 -24.90
CA GLY A 167 -2.97 10.91 -26.31
C GLY A 167 -2.08 10.06 -27.21
N LEU A 168 -0.90 9.67 -26.71
CA LEU A 168 0.06 8.91 -27.50
C LEU A 168 0.23 7.49 -27.04
N CYS A 169 -0.57 7.04 -26.09
CA CYS A 169 -0.36 5.75 -25.46
C CYS A 169 -0.93 4.63 -26.32
N LYS A 170 -0.23 3.50 -26.35
CA LYS A 170 -0.61 2.38 -27.21
C LYS A 170 -0.78 1.12 -26.37
N LYS A 171 -1.84 0.37 -26.66
CA LYS A 171 -1.98 -0.98 -26.12
C LYS A 171 -1.32 -1.93 -27.10
N LEU A 172 -0.31 -2.66 -26.64
CA LEU A 172 0.38 -3.58 -27.53
C LEU A 172 -0.54 -4.73 -27.92
N ALA A 173 -0.31 -5.24 -29.13
CA ALA A 173 -1.06 -6.40 -29.60
C ALA A 173 -0.70 -7.64 -28.78
N VAL A 174 -1.66 -8.57 -28.69
CA VAL A 174 -1.47 -9.77 -27.88
C VAL A 174 -0.27 -10.55 -28.38
N GLY A 175 0.63 -10.88 -27.44
CA GLY A 175 1.83 -11.63 -27.77
C GLY A 175 3.02 -10.79 -28.18
N ARG A 176 2.83 -9.49 -28.43
CA ARG A 176 3.93 -8.61 -28.74
C ARG A 176 4.43 -7.94 -27.47
N HIS A 177 5.74 -7.81 -27.36
CA HIS A 177 6.35 -7.01 -26.31
C HIS A 177 6.88 -5.71 -26.91
N SEP A 178 6.56 -5.49 -28.19
CA SEP A 178 7.06 -4.34 -28.92
CB SEP A 178 8.27 -4.75 -29.76
OG SEP A 178 7.84 -5.31 -30.99
C SEP A 178 6.01 -3.70 -29.82
O SEP A 178 4.98 -4.30 -30.13
P SEP A 178 8.52 -6.75 -31.23
O1P SEP A 178 9.71 -6.96 -30.18
O2P SEP A 178 7.42 -7.90 -31.02
O3P SEP A 178 9.10 -6.77 -32.73
N PHE A 179 6.30 -2.48 -30.25
CA PHE A 179 5.46 -1.77 -31.20
C PHE A 179 6.37 -1.18 -32.27
N SEP A 180 5.82 -0.77 -33.40
CA SEP A 180 6.65 -0.18 -34.44
CB SEP A 180 6.27 -0.70 -35.82
OG SEP A 180 4.87 -0.65 -36.03
C SEP A 180 6.58 1.35 -34.38
O SEP A 180 5.67 1.92 -33.79
P SEP A 180 4.37 -2.02 -36.74
O1P SEP A 180 4.68 -3.27 -35.76
O2P SEP A 180 2.77 -1.90 -36.99
O3P SEP A 180 5.11 -2.26 -38.14
N ARG A 181 7.57 1.99 -35.00
CA ARG A 181 7.75 3.44 -34.89
C ARG A 181 6.91 4.22 -35.92
N ARG A 182 5.98 3.52 -36.55
CA ARG A 182 5.19 4.09 -37.64
C ARG A 182 4.28 5.25 -37.22
N SEP A 183 3.68 5.17 -36.03
CA SEP A 183 2.52 6.01 -35.72
CB SEP A 183 1.26 5.14 -35.73
OG SEP A 183 0.59 5.18 -34.49
C SEP A 183 2.53 6.80 -34.39
O SEP A 183 1.64 7.62 -34.18
P SEP A 183 0.64 3.75 -33.72
O1P SEP A 183 -0.21 3.84 -32.35
O2P SEP A 183 2.17 3.37 -33.37
O3P SEP A 183 0.00 2.62 -34.67
N GLY A 184 3.50 6.56 -33.51
CA GLY A 184 3.38 7.15 -32.18
C GLY A 184 4.60 7.71 -31.48
N VAL A 185 5.31 8.63 -32.14
CA VAL A 185 6.45 9.31 -31.57
C VAL A 185 6.04 10.77 -31.29
N PRO A 186 6.25 11.27 -30.07
CA PRO A 186 5.80 12.64 -29.77
C PRO A 186 6.45 13.70 -30.66
N GLY A 187 5.65 14.70 -31.01
CA GLY A 187 6.15 15.80 -31.82
C GLY A 187 7.10 16.72 -31.07
N THR A 188 6.95 16.81 -29.75
CA THR A 188 7.86 17.59 -28.90
C THR A 188 8.87 16.65 -28.25
N GLU A 189 10.15 16.89 -28.53
CA GLU A 189 11.26 16.02 -28.16
C GLU A 189 11.96 16.52 -26.91
N GLY A 190 13.06 15.84 -26.55
CA GLY A 190 13.81 16.10 -25.34
C GLY A 190 13.77 14.95 -24.35
N TRP A 191 12.71 14.15 -24.38
CA TRP A 191 12.46 13.11 -23.39
C TRP A 191 12.21 11.75 -24.03
N ILE A 192 12.66 11.54 -25.27
CA ILE A 192 12.31 10.37 -26.05
C ILE A 192 13.47 9.41 -26.07
N ALA A 193 13.19 8.12 -25.85
CA ALA A 193 14.22 7.10 -25.87
C ALA A 193 14.91 7.08 -27.23
N PRO A 194 16.23 6.88 -27.28
CA PRO A 194 16.94 6.98 -28.57
C PRO A 194 16.44 6.02 -29.65
N GLU A 195 16.07 4.79 -29.30
CA GLU A 195 15.63 3.81 -30.29
C GLU A 195 14.31 4.19 -30.94
N MET A 196 13.62 5.21 -30.42
CA MET A 196 12.42 5.72 -31.09
C MET A 196 12.73 6.63 -32.26
N LEU A 197 13.94 7.21 -32.30
CA LEU A 197 14.27 8.26 -33.24
C LEU A 197 15.47 7.96 -34.13
N SER A 198 16.24 6.93 -33.84
CA SER A 198 17.37 6.55 -34.67
C SER A 198 16.89 5.83 -35.93
N GLU A 199 17.83 5.39 -36.77
CA GLU A 199 17.52 4.49 -37.86
C GLU A 199 18.29 3.18 -37.77
N ASP A 200 19.60 3.23 -37.54
CA ASP A 200 20.38 2.02 -37.31
C ASP A 200 19.88 1.30 -36.06
N CYS A 201 18.71 0.68 -36.14
CA CYS A 201 18.07 0.08 -34.97
C CYS A 201 17.45 -1.25 -35.37
N LYS A 202 18.06 -2.34 -34.89
CA LYS A 202 17.51 -3.67 -35.13
C LYS A 202 16.24 -3.89 -34.31
N GLU A 203 16.37 -3.83 -32.99
CA GLU A 203 15.25 -4.08 -32.09
C GLU A 203 14.18 -2.99 -32.24
N ASN A 204 12.91 -3.40 -32.15
CA ASN A 204 11.80 -2.46 -32.11
C ASN A 204 11.66 -1.88 -30.70
N PRO A 205 11.13 -0.66 -30.59
CA PRO A 205 10.92 -0.07 -29.25
C PRO A 205 9.93 -0.90 -28.43
N THR A 206 10.04 -0.76 -27.11
CA THR A 206 9.18 -1.51 -26.20
C THR A 206 8.89 -0.64 -24.96
N TYR A 207 8.39 -1.27 -23.90
CA TYR A 207 8.05 -0.57 -22.66
C TYR A 207 9.21 0.24 -22.12
N THR A 208 10.44 -0.17 -22.41
CA THR A 208 11.58 0.54 -21.85
C THR A 208 11.76 1.95 -22.43
N VAL A 209 10.99 2.34 -23.45
CA VAL A 209 11.02 3.76 -23.80
C VAL A 209 10.47 4.59 -22.66
N ASP A 210 9.48 4.06 -21.92
CA ASP A 210 8.95 4.80 -20.79
C ASP A 210 9.95 4.89 -19.64
N ILE A 211 10.74 3.83 -19.45
CA ILE A 211 11.75 3.83 -18.38
C ILE A 211 12.83 4.86 -18.67
N PHE A 212 13.25 4.97 -19.94
CA PHE A 212 14.23 5.98 -20.31
C PHE A 212 13.73 7.38 -19.99
N SER A 213 12.49 7.68 -20.40
CA SER A 213 11.89 8.98 -20.09
C SER A 213 11.79 9.18 -18.58
N ALA A 214 11.32 8.15 -17.87
CA ALA A 214 11.25 8.21 -16.42
C ALA A 214 12.63 8.47 -15.81
N GLY A 215 13.66 7.82 -16.33
CA GLY A 215 15.02 8.10 -15.86
C GLY A 215 15.37 9.56 -15.95
N CYS A 216 15.02 10.21 -17.08
CA CYS A 216 15.27 11.65 -17.22
C CYS A 216 14.42 12.45 -16.24
N VAL A 217 13.17 12.05 -16.03
CA VAL A 217 12.31 12.73 -15.06
C VAL A 217 12.88 12.60 -13.65
N PHE A 218 13.29 11.37 -13.28
CA PHE A 218 13.94 11.16 -11.98
C PHE A 218 15.06 12.17 -11.75
N TYR A 219 15.97 12.29 -12.71
CA TYR A 219 17.06 13.24 -12.55
C TYR A 219 16.54 14.66 -12.47
N TYR A 220 15.54 14.98 -13.30
CA TYR A 220 14.99 16.33 -13.32
C TYR A 220 14.44 16.72 -11.96
N VAL A 221 13.77 15.80 -11.27
CA VAL A 221 13.20 16.10 -9.96
C VAL A 221 14.30 16.24 -8.91
N ILE A 222 15.20 15.26 -8.81
CA ILE A 222 16.14 15.31 -7.69
C ILE A 222 17.25 16.33 -7.91
N SER A 223 17.62 16.60 -9.17
CA SER A 223 18.55 17.69 -9.42
C SER A 223 17.89 19.07 -9.34
N GLU A 224 16.57 19.12 -9.18
CA GLU A 224 15.80 20.35 -9.06
C GLU A 224 15.84 21.19 -10.34
N GLY A 225 15.76 20.54 -11.50
CA GLY A 225 15.48 21.25 -12.74
C GLY A 225 16.38 20.91 -13.92
N SER A 226 17.39 20.09 -13.71
CA SER A 226 18.33 19.76 -14.78
C SER A 226 17.93 18.48 -15.50
N HIS A 227 18.36 18.38 -16.74
CA HIS A 227 18.18 17.24 -17.64
C HIS A 227 19.51 16.51 -17.82
N PRO A 228 19.51 15.18 -17.87
CA PRO A 228 20.79 14.46 -18.05
C PRO A 228 21.49 14.80 -19.34
N PHE A 229 20.77 15.23 -20.38
CA PHE A 229 21.34 15.43 -21.71
C PHE A 229 21.39 16.89 -22.13
N GLY A 230 21.37 17.82 -21.16
CA GLY A 230 21.57 19.23 -21.46
C GLY A 230 20.33 20.10 -21.37
N LYS A 231 20.24 21.12 -22.23
CA LYS A 231 19.10 22.02 -22.23
C LYS A 231 18.45 22.07 -23.60
N SER A 232 17.13 22.26 -23.61
CA SER A 232 16.26 22.36 -24.78
C SER A 232 16.75 21.58 -26.01
N LEU A 233 17.38 22.27 -26.96
CA LEU A 233 17.60 21.69 -28.29
C LEU A 233 18.69 20.63 -28.31
N GLN A 234 19.69 20.73 -27.44
CA GLN A 234 20.78 19.77 -27.44
C GLN A 234 20.38 18.43 -26.83
N ARG A 235 19.32 18.41 -26.00
CA ARG A 235 18.82 17.21 -25.36
C ARG A 235 18.71 16.02 -26.30
N GLN A 236 17.79 16.09 -27.26
CA GLN A 236 17.52 14.95 -28.12
C GLN A 236 18.73 14.58 -28.96
N ALA A 237 19.53 15.59 -29.33
CA ALA A 237 20.76 15.32 -30.06
C ALA A 237 21.77 14.56 -29.19
N ASN A 238 21.88 14.93 -27.91
CA ASN A 238 22.76 14.19 -27.01
C ASN A 238 22.21 12.82 -26.67
N ILE A 239 20.88 12.67 -26.66
CA ILE A 239 20.30 11.35 -26.41
C ILE A 239 20.72 10.38 -27.51
N LEU A 240 20.57 10.81 -28.78
CA LEU A 240 21.01 9.98 -29.90
C LEU A 240 22.51 9.73 -29.88
N LEU A 241 23.27 10.64 -29.26
CA LEU A 241 24.72 10.51 -29.14
C LEU A 241 25.15 9.66 -27.96
N GLY A 242 24.29 9.47 -26.97
CA GLY A 242 24.69 8.83 -25.72
C GLY A 242 25.49 9.72 -24.79
N ALA A 243 25.48 11.04 -25.02
CA ALA A 243 26.27 11.97 -24.23
C ALA A 243 25.39 12.51 -23.11
N CYS A 244 25.54 11.93 -21.92
CA CYS A 244 24.81 12.39 -20.76
C CYS A 244 25.78 12.74 -19.64
N SER A 245 25.24 13.40 -18.63
CA SER A 245 26.03 13.86 -17.50
C SER A 245 25.09 14.01 -16.31
N LEU A 246 25.43 13.36 -15.20
CA LEU A 246 24.63 13.36 -13.98
C LEU A 246 25.33 14.14 -12.87
N ASP A 247 25.96 15.26 -13.23
CA ASP A 247 26.90 15.95 -12.35
C ASP A 247 26.23 16.65 -11.19
N CYS A 248 24.90 16.73 -11.16
CA CYS A 248 24.23 17.22 -9.97
C CYS A 248 24.24 16.16 -8.86
N LEU A 249 24.34 14.89 -9.23
CA LEU A 249 24.50 13.81 -8.25
C LEU A 249 25.97 13.74 -7.84
N HIS A 250 26.25 14.06 -6.58
CA HIS A 250 27.63 14.14 -6.11
C HIS A 250 28.16 12.77 -5.72
N PRO A 251 29.45 12.53 -5.94
CA PRO A 251 30.01 11.19 -5.69
C PRO A 251 30.25 10.86 -4.23
N GLU A 252 30.20 11.84 -3.31
CA GLU A 252 30.49 11.57 -1.92
C GLU A 252 29.29 11.85 -1.01
N LYS A 253 28.09 11.81 -1.58
CA LYS A 253 26.86 11.92 -0.82
C LYS A 253 26.04 10.65 -1.00
N HIS A 254 25.65 10.03 0.11
CA HIS A 254 25.05 8.70 0.07
C HIS A 254 23.80 8.67 -0.82
N GLU A 255 22.87 9.61 -0.63
CA GLU A 255 21.64 9.61 -1.43
C GLU A 255 21.95 9.73 -2.92
N ASP A 256 22.95 10.54 -3.29
CA ASP A 256 23.24 10.76 -4.70
C ASP A 256 23.91 9.53 -5.33
N VAL A 257 24.79 8.85 -4.58
CA VAL A 257 25.39 7.62 -5.09
C VAL A 257 24.31 6.59 -5.42
N ILE A 258 23.35 6.41 -4.51
CA ILE A 258 22.27 5.45 -4.73
C ILE A 258 21.40 5.92 -5.90
N ALA A 259 21.06 7.21 -5.93
CA ALA A 259 20.23 7.72 -7.02
C ALA A 259 20.94 7.56 -8.35
N ARG A 260 22.25 7.83 -8.39
CA ARG A 260 23.00 7.72 -9.64
C ARG A 260 23.02 6.28 -10.15
N GLU A 261 23.11 5.32 -9.24
CA GLU A 261 23.18 3.93 -9.68
C GLU A 261 21.89 3.49 -10.35
N LEU A 262 20.75 4.08 -9.96
CA LEU A 262 19.47 3.72 -10.55
C LEU A 262 19.19 4.51 -11.83
N ILE A 263 19.31 5.84 -11.79
CA ILE A 263 19.08 6.66 -12.98
C ILE A 263 19.96 6.19 -14.13
N GLU A 264 21.21 5.80 -13.81
CA GLU A 264 22.15 5.38 -14.85
C GLU A 264 21.63 4.18 -15.63
N LYS A 265 21.01 3.23 -14.95
CA LYS A 265 20.47 2.09 -15.68
C LYS A 265 19.16 2.41 -16.38
N MET A 266 18.44 3.43 -15.91
CA MET A 266 17.15 3.74 -16.53
C MET A 266 17.32 4.43 -17.87
N ILE A 267 18.34 5.27 -18.02
CA ILE A 267 18.55 6.04 -19.25
C ILE A 267 19.61 5.37 -20.12
N ALA A 268 19.89 4.10 -19.83
CA ALA A 268 20.92 3.37 -20.56
C ALA A 268 20.58 3.28 -22.04
N MET A 269 21.61 3.38 -22.88
CA MET A 269 21.42 3.36 -24.33
C MET A 269 20.84 2.03 -24.79
N ASP A 270 21.40 0.92 -24.32
CA ASP A 270 20.84 -0.39 -24.65
C ASP A 270 19.49 -0.54 -23.95
N PRO A 271 18.37 -0.57 -24.69
CA PRO A 271 17.06 -0.66 -24.02
C PRO A 271 16.89 -1.90 -23.18
N GLN A 272 17.57 -3.01 -23.52
CA GLN A 272 17.43 -4.26 -22.77
C GLN A 272 18.02 -4.16 -21.37
N LYS A 273 18.98 -3.25 -21.16
CA LYS A 273 19.61 -3.04 -19.85
C LYS A 273 18.79 -2.14 -18.93
N ARG A 274 17.60 -1.66 -19.35
CA ARG A 274 16.79 -0.78 -18.50
C ARG A 274 15.89 -1.62 -17.61
N PRO A 275 15.85 -1.35 -16.31
CA PRO A 275 14.96 -2.13 -15.44
C PRO A 275 13.50 -1.82 -15.74
N SER A 276 12.66 -2.82 -15.57
CA SER A 276 11.23 -2.61 -15.70
C SER A 276 10.74 -1.69 -14.58
N ALA A 277 9.51 -1.17 -14.74
CA ALA A 277 8.99 -0.23 -13.75
C ALA A 277 8.87 -0.88 -12.38
N LYS A 278 8.48 -2.15 -12.34
CA LYS A 278 8.41 -2.85 -11.06
C LYS A 278 9.79 -3.11 -10.47
N HIS A 279 10.81 -3.31 -11.33
CA HIS A 279 12.18 -3.45 -10.84
C HIS A 279 12.68 -2.15 -10.23
N VAL A 280 12.44 -1.03 -10.92
CA VAL A 280 12.76 0.30 -10.40
C VAL A 280 12.23 0.48 -8.98
N LEU A 281 10.99 0.02 -8.73
CA LEU A 281 10.36 0.23 -7.43
C LEU A 281 11.06 -0.54 -6.32
N LYS A 282 11.75 -1.63 -6.65
CA LYS A 282 12.49 -2.43 -5.70
C LYS A 282 13.89 -1.88 -5.41
N HIS A 283 14.30 -0.81 -6.09
CA HIS A 283 15.67 -0.32 -5.98
C HIS A 283 15.88 0.42 -4.67
N PRO A 284 17.09 0.33 -4.08
CA PRO A 284 17.32 0.99 -2.79
C PRO A 284 17.09 2.50 -2.79
N PHE A 285 17.04 3.14 -3.95
CA PHE A 285 16.59 4.53 -4.05
C PHE A 285 15.29 4.76 -3.28
N PHE A 286 14.40 3.76 -3.23
CA PHE A 286 13.12 3.88 -2.55
C PHE A 286 13.08 3.24 -1.16
N TRP A 287 14.19 2.67 -0.67
CA TRP A 287 14.18 2.04 0.65
C TRP A 287 14.13 3.09 1.76
N SER A 288 13.24 2.88 2.73
CA SER A 288 13.28 3.67 3.94
C SER A 288 14.57 3.40 4.72
N LEU A 289 14.90 4.34 5.61
CA LEU A 289 16.06 4.21 6.47
C LEU A 289 16.07 2.86 7.20
N GLU A 290 14.93 2.45 7.74
CA GLU A 290 14.85 1.20 8.48
C GLU A 290 15.08 -0.01 7.57
N LYS A 291 14.62 0.05 6.32
CA LYS A 291 14.90 -1.04 5.40
C LYS A 291 16.40 -1.10 5.07
N GLN A 292 17.06 0.06 4.95
CA GLN A 292 18.49 0.07 4.66
C GLN A 292 19.29 -0.55 5.80
N LEU A 293 18.92 -0.21 7.05
CA LEU A 293 19.58 -0.82 8.20
C LEU A 293 19.31 -2.32 8.28
N GLN A 294 18.11 -2.74 7.90
CA GLN A 294 17.78 -4.17 7.88
C GLN A 294 18.59 -4.89 6.80
N PHE A 295 18.81 -4.26 5.64
CA PHE A 295 19.65 -4.87 4.62
C PHE A 295 21.06 -5.10 5.13
N PHE A 296 21.63 -4.11 5.82
CA PHE A 296 22.97 -4.25 6.39
C PHE A 296 23.02 -5.38 7.42
N GLN A 297 22.00 -5.49 8.28
CA GLN A 297 22.00 -6.55 9.28
C GLN A 297 21.90 -7.93 8.63
N ASP A 298 21.00 -8.07 7.65
CA ASP A 298 20.83 -9.35 6.98
C ASP A 298 22.08 -9.74 6.20
N VAL A 299 22.79 -8.76 5.62
CA VAL A 299 24.07 -9.05 4.98
C VAL A 299 25.09 -9.49 6.03
N SER A 300 25.22 -8.72 7.11
CA SER A 300 26.22 -9.02 8.12
C SER A 300 26.01 -10.40 8.73
N ASP A 301 24.75 -10.75 9.05
CA ASP A 301 24.42 -12.10 9.51
C ASP A 301 24.79 -13.15 8.47
N ARG A 302 24.58 -12.85 7.18
CA ARG A 302 24.77 -13.84 6.12
C ARG A 302 26.24 -14.19 5.91
N ILE A 303 27.14 -13.26 6.21
CA ILE A 303 28.58 -13.43 5.96
C ILE A 303 29.35 -13.68 7.24
N GLU A 304 28.66 -13.78 8.39
CA GLU A 304 29.36 -13.94 9.66
C GLU A 304 30.24 -15.20 9.66
N LYS A 305 29.73 -16.30 9.12
CA LYS A 305 30.47 -17.55 9.06
C LYS A 305 31.06 -17.81 7.68
N GLU A 306 30.97 -16.84 6.77
CA GLU A 306 31.47 -17.04 5.42
C GLU A 306 32.99 -17.01 5.39
N SER A 307 33.55 -17.83 4.51
CA SER A 307 35.01 -17.89 4.38
C SER A 307 35.57 -16.57 3.86
N LEU A 308 36.69 -16.14 4.46
CA LEU A 308 37.36 -14.91 4.05
C LEU A 308 37.81 -14.97 2.60
N ASP A 309 37.97 -16.17 2.06
CA ASP A 309 38.38 -16.38 0.67
C ASP A 309 37.27 -16.91 -0.21
N GLY A 310 36.07 -17.08 0.34
CA GLY A 310 34.92 -17.49 -0.44
C GLY A 310 34.55 -16.41 -1.44
N PRO A 311 33.78 -16.78 -2.47
CA PRO A 311 33.40 -15.78 -3.48
C PRO A 311 32.69 -14.56 -2.91
N ILE A 312 31.84 -14.76 -1.89
CA ILE A 312 30.99 -13.68 -1.39
C ILE A 312 31.84 -12.61 -0.71
N VAL A 313 32.63 -13.00 0.29
CA VAL A 313 33.49 -12.04 0.98
C VAL A 313 34.50 -11.42 0.01
N LYS A 314 35.10 -12.25 -0.85
CA LYS A 314 36.02 -11.73 -1.86
C LYS A 314 35.36 -10.64 -2.69
N GLN A 315 34.14 -10.92 -3.17
CA GLN A 315 33.37 -9.91 -3.89
C GLN A 315 33.12 -8.68 -3.04
N LEU A 316 32.81 -8.89 -1.77
CA LEU A 316 32.53 -7.76 -0.88
C LEU A 316 33.77 -6.91 -0.64
N GLU A 317 34.97 -7.50 -0.66
CA GLU A 317 36.18 -6.73 -0.41
C GLU A 317 36.78 -6.10 -1.66
N ARG A 318 36.37 -6.56 -2.84
CA ARG A 318 36.85 -5.96 -4.09
C ARG A 318 36.55 -4.47 -4.13
N GLY A 319 37.59 -3.65 -4.16
CA GLY A 319 37.38 -2.22 -4.07
C GLY A 319 36.97 -1.75 -2.69
N GLY A 320 37.25 -2.54 -1.65
CA GLY A 320 36.78 -2.21 -0.32
C GLY A 320 37.48 -1.01 0.29
N ARG A 321 38.72 -0.76 -0.12
CA ARG A 321 39.49 0.31 0.50
C ARG A 321 38.82 1.66 0.32
N ALA A 322 38.39 1.97 -0.91
CA ALA A 322 37.70 3.22 -1.16
C ALA A 322 36.39 3.28 -0.39
N VAL A 323 35.69 2.15 -0.28
CA VAL A 323 34.40 2.14 0.42
C VAL A 323 34.57 2.46 1.89
N VAL A 324 35.58 1.87 2.55
CA VAL A 324 35.82 2.17 3.97
C VAL A 324 36.78 3.33 4.19
N LYS A 325 37.29 3.93 3.11
CA LYS A 325 38.19 5.09 3.18
C LYS A 325 39.49 4.76 3.92
N MET A 326 40.11 3.64 3.51
CA MET A 326 41.35 3.07 4.06
C MET A 326 41.11 2.43 5.42
N ASP A 327 40.55 3.19 6.34
CA ASP A 327 40.39 2.76 7.72
C ASP A 327 39.06 3.33 8.21
N TRP A 328 38.04 2.48 8.31
CA TRP A 328 36.77 2.99 8.81
C TRP A 328 36.83 3.31 10.29
N ARG A 329 37.72 2.64 11.05
CA ARG A 329 37.90 2.98 12.46
C ARG A 329 38.40 4.40 12.63
N GLU A 330 39.09 4.96 11.62
CA GLU A 330 39.57 6.33 11.67
C GLU A 330 38.55 7.33 11.14
N ASN A 331 37.45 6.88 10.56
CA ASN A 331 36.44 7.75 9.99
C ASN A 331 35.12 7.67 10.75
N ILE A 332 35.16 7.28 12.02
CA ILE A 332 34.00 7.27 12.88
C ILE A 332 34.28 8.18 14.06
N THR A 333 33.24 8.44 14.85
CA THR A 333 33.33 9.36 15.95
C THR A 333 34.17 8.77 17.09
N VAL A 334 34.76 9.66 17.90
CA VAL A 334 35.65 9.20 18.99
C VAL A 334 34.93 8.36 20.00
N PRO A 335 33.70 8.67 20.46
CA PRO A 335 33.01 7.76 21.38
C PRO A 335 32.82 6.36 20.82
N LEU A 336 32.43 6.23 19.55
CA LEU A 336 32.31 4.90 18.96
C LEU A 336 33.67 4.22 18.86
N GLN A 337 34.72 4.97 18.57
CA GLN A 337 36.08 4.42 18.58
C GLN A 337 36.43 3.85 19.95
N THR A 338 36.16 4.63 21.00
CA THR A 338 36.41 4.15 22.35
C THR A 338 35.62 2.88 22.64
N ASP A 339 34.39 2.80 22.12
CA ASP A 339 33.57 1.64 22.40
C ASP A 339 34.00 0.42 21.59
N LEU A 340 34.60 0.61 20.43
CA LEU A 340 35.02 -0.54 19.65
C LEU A 340 36.35 -1.12 20.13
N ARG A 341 37.01 -0.46 21.08
CA ARG A 341 38.31 -0.92 21.54
C ARG A 341 38.25 -2.34 22.09
N LYS A 342 37.14 -2.69 22.76
CA LYS A 342 36.98 -4.05 23.26
C LYS A 342 36.97 -5.08 22.13
N PHE A 343 36.52 -4.69 20.93
CA PHE A 343 36.44 -5.59 19.79
C PHE A 343 37.70 -5.41 18.94
N ARG A 344 38.78 -6.03 19.40
CA ARG A 344 40.02 -5.93 18.63
C ARG A 344 40.02 -6.76 17.37
N THR A 345 39.00 -7.60 17.17
CA THR A 345 38.88 -8.47 16.00
C THR A 345 38.34 -7.74 14.77
N TYR A 346 37.98 -6.46 14.89
CA TYR A 346 37.42 -5.69 13.77
C TYR A 346 38.55 -4.99 13.03
N LYS A 347 38.83 -5.45 11.81
CA LYS A 347 39.88 -4.86 10.99
C LYS A 347 39.33 -3.65 10.23
N GLY A 348 40.00 -2.50 10.37
CA GLY A 348 39.52 -1.25 9.81
C GLY A 348 39.63 -1.15 8.31
N GLY A 349 40.43 -2.01 7.68
CA GLY A 349 40.51 -2.12 6.24
C GLY A 349 39.46 -3.03 5.60
N SER A 350 38.57 -3.62 6.39
CA SER A 350 37.63 -4.63 5.93
C SER A 350 36.21 -4.07 5.87
N VAL A 351 35.58 -4.16 4.70
CA VAL A 351 34.16 -3.81 4.58
C VAL A 351 33.32 -4.75 5.43
N ARG A 352 33.63 -6.05 5.38
CA ARG A 352 32.88 -7.02 6.17
C ARG A 352 32.90 -6.65 7.65
N ASP A 353 34.08 -6.32 8.19
CA ASP A 353 34.17 -6.01 9.61
C ASP A 353 33.43 -4.72 9.95
N LEU A 354 33.42 -3.74 9.05
CA LEU A 354 32.57 -2.57 9.25
C LEU A 354 31.11 -2.99 9.41
N LEU A 355 30.62 -3.83 8.50
CA LEU A 355 29.27 -4.37 8.61
C LEU A 355 29.07 -5.15 9.90
N ARG A 356 30.09 -5.91 10.33
CA ARG A 356 29.96 -6.67 11.58
C ARG A 356 29.86 -5.73 12.77
N ALA A 357 30.64 -4.64 12.78
CA ALA A 357 30.56 -3.69 13.88
C ALA A 357 29.20 -3.00 13.91
N MET A 358 28.68 -2.63 12.74
CA MET A 358 27.36 -1.99 12.67
C MET A 358 26.29 -2.91 13.23
N ARG A 359 26.28 -4.17 12.79
CA ARG A 359 25.29 -5.13 13.26
C ARG A 359 25.40 -5.36 14.77
N ASN A 360 26.64 -5.44 15.27
CA ASN A 360 26.86 -5.67 16.69
C ASN A 360 26.35 -4.50 17.54
N LYS A 361 26.56 -3.26 17.09
CA LYS A 361 26.08 -2.12 17.84
C LYS A 361 24.57 -1.90 17.67
N LYS A 362 24.00 -2.39 16.57
CA LYS A 362 22.55 -2.40 16.45
C LYS A 362 21.93 -3.40 17.42
N HIS A 363 22.50 -4.60 17.50
CA HIS A 363 21.94 -5.64 18.34
C HIS A 363 22.03 -5.28 19.82
N HIS A 364 23.15 -4.71 20.24
CA HIS A 364 23.40 -4.41 21.64
C HIS A 364 23.11 -2.95 21.98
N TYR A 365 22.38 -2.25 21.09
CA TYR A 365 22.18 -0.81 21.22
C TYR A 365 21.64 -0.41 22.59
N ARG A 366 20.67 -1.17 23.11
CA ARG A 366 20.10 -0.83 24.42
C ARG A 366 21.14 -0.89 25.53
N GLU A 367 22.16 -1.74 25.39
CA GLU A 367 23.18 -1.90 26.42
C GLU A 367 24.36 -0.95 26.28
N LEU A 368 24.46 -0.22 25.18
CA LEU A 368 25.62 0.64 24.98
C LEU A 368 25.62 1.81 25.96
N PRO A 369 26.79 2.32 26.32
CA PRO A 369 26.85 3.53 27.16
C PRO A 369 26.19 4.72 26.48
N ALA A 370 25.79 5.70 27.30
CA ALA A 370 25.03 6.84 26.80
C ALA A 370 25.84 7.65 25.79
N GLU A 371 27.16 7.75 25.99
CA GLU A 371 28.03 8.39 25.02
C GLU A 371 27.86 7.78 23.64
N VAL A 372 27.87 6.45 23.56
CA VAL A 372 27.86 5.76 22.28
C VAL A 372 26.51 5.94 21.59
N ARG A 373 25.42 5.73 22.33
CA ARG A 373 24.10 5.99 21.78
C ARG A 373 23.95 7.44 21.34
N GLU A 374 24.60 8.37 22.03
CA GLU A 374 24.43 9.77 21.68
C GLU A 374 25.04 10.11 20.32
N THR A 375 26.24 9.60 20.00
CA THR A 375 26.78 9.90 18.66
C THR A 375 26.14 9.06 17.56
N LEU A 376 25.68 7.86 17.88
CA LEU A 376 24.99 7.07 16.87
C LEU A 376 23.61 7.65 16.54
N GLY A 377 22.94 8.22 17.53
CA GLY A 377 21.56 8.64 17.38
C GLY A 377 20.60 7.49 17.61
N SER A 378 19.32 7.80 17.48
CA SER A 378 18.28 6.80 17.76
C SER A 378 18.21 5.76 16.65
N LEU A 379 17.67 4.58 17.01
CA LEU A 379 17.39 3.42 16.19
C LEU A 379 15.99 3.53 15.60
N PRO A 380 15.82 3.34 14.29
CA PRO A 380 16.91 3.02 13.37
C PRO A 380 17.43 4.16 12.47
N ASP A 381 16.87 5.38 12.55
CA ASP A 381 17.11 6.36 11.49
C ASP A 381 18.48 7.03 11.61
N ASP A 382 18.73 7.74 12.72
CA ASP A 382 20.03 8.38 12.88
C ASP A 382 21.15 7.35 12.83
N PHE A 383 20.89 6.15 13.36
CA PHE A 383 21.90 5.09 13.41
C PHE A 383 22.39 4.74 12.03
N VAL A 384 21.47 4.46 11.09
CA VAL A 384 21.92 4.07 9.76
C VAL A 384 22.52 5.26 9.03
N CYS A 385 22.04 6.48 9.31
CA CYS A 385 22.62 7.65 8.63
C CYS A 385 24.02 7.94 9.15
N TYR A 386 24.27 7.66 10.42
CA TYR A 386 25.61 7.76 10.98
C TYR A 386 26.65 7.14 10.06
N PHE A 387 26.36 5.95 9.53
CA PHE A 387 27.30 5.20 8.70
C PHE A 387 27.20 5.54 7.21
N THR A 388 25.99 5.63 6.64
CA THR A 388 25.90 5.94 5.22
C THR A 388 26.38 7.33 4.91
N SER A 389 26.19 8.28 5.82
CA SER A 389 26.72 9.62 5.58
C SER A 389 28.24 9.64 5.67
N ARG A 390 28.85 8.73 6.46
CA ARG A 390 30.29 8.65 6.54
C ARG A 390 30.90 7.73 5.49
N PHE A 391 30.15 6.72 5.04
CA PHE A 391 30.62 5.79 4.02
C PHE A 391 29.63 5.78 2.86
N PRO A 392 29.62 6.87 2.06
CA PRO A 392 28.52 7.06 1.10
C PRO A 392 28.47 6.02 -0.01
N HIS A 393 29.49 5.20 -0.15
CA HIS A 393 29.46 4.11 -1.12
C HIS A 393 29.09 2.77 -0.51
N LEU A 394 28.96 2.69 0.81
CA LEU A 394 28.78 1.40 1.47
C LEU A 394 27.52 0.69 0.99
N LEU A 395 26.38 1.38 0.98
CA LEU A 395 25.13 0.74 0.58
C LEU A 395 25.18 0.30 -0.88
N ALA A 396 25.53 1.22 -1.79
CA ALA A 396 25.58 0.87 -3.21
C ALA A 396 26.55 -0.28 -3.47
N HIS A 397 27.72 -0.24 -2.84
CA HIS A 397 28.70 -1.30 -3.04
C HIS A 397 28.19 -2.63 -2.47
N THR A 398 27.72 -2.61 -1.23
CA THR A 398 27.21 -3.84 -0.62
C THR A 398 26.04 -4.38 -1.42
N TYR A 399 25.16 -3.49 -1.89
CA TYR A 399 24.02 -3.92 -2.70
C TYR A 399 24.49 -4.65 -3.94
N ARG A 400 25.39 -4.05 -4.71
CA ARG A 400 25.91 -4.73 -5.90
C ARG A 400 26.64 -6.01 -5.52
N ALA A 401 27.43 -6.00 -4.44
CA ALA A 401 28.23 -7.16 -4.12
C ALA A 401 27.36 -8.35 -3.74
N MET A 402 26.31 -8.13 -2.95
CA MET A 402 25.50 -9.22 -2.44
C MET A 402 24.49 -9.74 -3.45
N GLU A 403 24.56 -9.23 -4.69
CA GLU A 403 23.74 -9.76 -5.77
C GLU A 403 23.95 -11.27 -5.94
N LEU A 404 25.13 -11.78 -5.55
CA LEU A 404 25.39 -13.20 -5.53
C LEU A 404 24.40 -13.98 -4.68
N CYS A 405 23.75 -13.33 -3.70
CA CYS A 405 22.78 -13.98 -2.83
C CYS A 405 21.34 -13.58 -3.15
N SER A 406 21.10 -13.07 -4.36
CA SER A 406 19.82 -12.44 -4.66
C SER A 406 18.69 -13.44 -4.84
N HIS A 407 19.01 -14.71 -5.08
CA HIS A 407 17.99 -15.73 -5.23
C HIS A 407 17.66 -16.44 -3.91
N GLU A 408 18.36 -16.10 -2.82
CA GLU A 408 18.08 -16.69 -1.52
C GLU A 408 16.89 -16.01 -0.86
N ARG A 409 16.07 -16.81 -0.18
CA ARG A 409 14.80 -16.34 0.36
C ARG A 409 14.97 -15.09 1.23
N LEU A 410 16.00 -15.07 2.08
CA LEU A 410 16.22 -13.92 2.95
C LEU A 410 16.45 -12.62 2.16
N PHE A 411 16.94 -12.72 0.92
CA PHE A 411 17.25 -11.54 0.12
C PHE A 411 16.24 -11.32 -1.00
N GLN A 412 15.13 -12.07 -1.02
CA GLN A 412 13.97 -11.77 -1.85
C GLN A 412 13.51 -10.32 -1.74
N PRO A 413 13.24 -9.76 -0.55
CA PRO A 413 12.67 -8.40 -0.50
C PRO A 413 13.55 -7.34 -1.13
N TYR A 414 14.85 -7.58 -1.27
CA TYR A 414 15.79 -6.55 -1.63
C TYR A 414 16.11 -6.50 -3.11
N TYR A 415 15.79 -7.54 -3.86
CA TYR A 415 16.10 -7.61 -5.28
C TYR A 415 14.83 -7.85 -6.08
N PHE A 416 14.97 -7.93 -7.40
CA PHE A 416 13.85 -8.16 -8.30
C PHE A 416 14.16 -9.38 -9.17
N HIS A 417 13.34 -10.42 -9.03
CA HIS A 417 13.50 -11.64 -9.82
C HIS A 417 12.38 -11.77 -10.86
N GLU B 14 -35.02 -9.15 -28.20
CA GLU B 14 -36.28 -8.43 -28.17
C GLU B 14 -36.58 -7.86 -26.78
N THR B 15 -35.55 -7.32 -26.14
CA THR B 15 -35.68 -6.74 -24.81
C THR B 15 -35.74 -5.22 -24.89
N SER B 16 -36.19 -4.61 -23.81
CA SER B 16 -36.48 -3.17 -23.79
C SER B 16 -35.41 -2.41 -23.02
N VAL B 17 -35.19 -1.17 -23.43
CA VAL B 17 -34.19 -0.30 -22.84
C VAL B 17 -34.87 0.98 -22.37
N VAL B 18 -34.33 1.56 -21.30
CA VAL B 18 -34.78 2.83 -20.76
C VAL B 18 -33.58 3.76 -20.72
N ILE B 19 -33.74 4.97 -21.27
CA ILE B 19 -32.65 5.93 -21.35
C ILE B 19 -33.09 7.21 -20.66
N VAL B 20 -32.38 7.58 -19.60
CA VAL B 20 -32.59 8.83 -18.88
C VAL B 20 -31.26 9.56 -18.90
N GLY B 21 -31.09 10.49 -19.83
CA GLY B 21 -29.83 11.21 -19.93
C GLY B 21 -28.76 10.26 -20.40
N LYS B 22 -27.61 10.29 -19.73
CA LYS B 22 -26.50 9.41 -20.10
C LYS B 22 -26.59 8.05 -19.41
N ILE B 23 -27.64 7.82 -18.62
CA ILE B 23 -27.85 6.56 -17.92
C ILE B 23 -28.88 5.73 -18.68
N SER B 24 -28.51 4.50 -19.01
CA SER B 24 -29.40 3.57 -19.69
C SER B 24 -29.40 2.24 -18.94
N PHE B 25 -30.54 1.56 -18.96
CA PHE B 25 -30.65 0.27 -18.29
C PHE B 25 -31.79 -0.53 -18.89
N CYS B 26 -31.72 -1.85 -18.69
CA CYS B 26 -32.77 -2.77 -19.13
C CYS B 26 -33.65 -3.13 -17.95
N PRO B 27 -34.95 -2.81 -17.98
CA PRO B 27 -35.80 -3.09 -16.81
C PRO B 27 -35.88 -4.55 -16.42
N LYS B 28 -35.48 -5.47 -17.30
CA LYS B 28 -35.52 -6.89 -16.96
C LYS B 28 -34.31 -7.33 -16.14
N ASP B 29 -33.23 -6.55 -16.13
CA ASP B 29 -32.01 -6.93 -15.41
C ASP B 29 -32.05 -6.35 -13.99
N VAL B 30 -32.98 -6.86 -13.20
CA VAL B 30 -33.05 -6.45 -11.80
C VAL B 30 -31.93 -7.11 -11.02
N LEU B 31 -31.15 -6.29 -10.31
CA LEU B 31 -30.08 -6.80 -9.47
C LEU B 31 -30.48 -6.89 -8.00
N GLY B 32 -31.49 -6.16 -7.58
CA GLY B 32 -31.92 -6.22 -6.20
C GLY B 32 -33.01 -5.20 -5.93
N HIS B 33 -33.54 -5.26 -4.72
CA HIS B 33 -34.53 -4.31 -4.23
C HIS B 33 -34.02 -3.72 -2.92
N GLY B 34 -33.99 -2.40 -2.85
CA GLY B 34 -33.56 -1.68 -1.66
C GLY B 34 -34.74 -1.30 -0.78
N ALA B 35 -34.50 -0.29 0.05
CA ALA B 35 -35.54 0.23 0.93
C ALA B 35 -36.52 1.11 0.15
N GLU B 36 -37.72 1.26 0.71
CA GLU B 36 -38.74 2.18 0.20
C GLU B 36 -39.10 1.90 -1.26
N GLY B 37 -39.11 0.63 -1.64
CA GLY B 37 -39.47 0.29 -3.00
C GLY B 37 -38.50 0.79 -4.06
N THR B 38 -37.22 0.87 -3.74
CA THR B 38 -36.20 1.19 -4.73
C THR B 38 -35.72 -0.08 -5.39
N ILE B 39 -35.47 0.01 -6.70
CA ILE B 39 -34.99 -1.11 -7.50
C ILE B 39 -33.60 -0.75 -8.01
N VAL B 40 -32.73 -1.74 -8.10
CA VAL B 40 -31.40 -1.60 -8.69
C VAL B 40 -31.35 -2.42 -9.97
N TYR B 41 -30.91 -1.79 -11.07
CA TYR B 41 -30.81 -2.42 -12.38
C TYR B 41 -29.36 -2.46 -12.84
N ARG B 42 -29.06 -3.43 -13.71
CA ARG B 42 -27.83 -3.38 -14.49
C ARG B 42 -28.01 -2.42 -15.66
N GLY B 43 -26.98 -1.64 -15.96
CA GLY B 43 -27.09 -0.67 -17.02
C GLY B 43 -25.75 -0.22 -17.55
N MET B 44 -25.80 0.86 -18.32
CA MET B 44 -24.63 1.48 -18.92
C MET B 44 -24.59 2.97 -18.63
N PHE B 45 -23.38 3.51 -18.61
CA PHE B 45 -23.13 4.94 -18.51
C PHE B 45 -21.78 5.18 -19.15
N ASP B 46 -21.74 6.05 -20.16
CA ASP B 46 -20.51 6.37 -20.87
C ASP B 46 -19.79 5.12 -21.34
N ASN B 47 -20.57 4.11 -21.75
CA ASN B 47 -20.08 2.80 -22.15
C ASN B 47 -19.29 2.10 -21.04
N ARG B 48 -19.55 2.42 -19.78
CA ARG B 48 -19.09 1.62 -18.65
C ARG B 48 -20.24 0.78 -18.14
N ASP B 49 -19.95 -0.46 -17.74
CA ASP B 49 -20.93 -1.24 -16.99
C ASP B 49 -21.18 -0.57 -15.65
N VAL B 50 -22.46 -0.36 -15.30
CA VAL B 50 -22.85 0.27 -14.05
C VAL B 50 -24.04 -0.46 -13.43
N ALA B 51 -24.25 -0.19 -12.15
CA ALA B 51 -25.50 -0.49 -11.48
C ALA B 51 -26.27 0.81 -11.32
N VAL B 52 -27.59 0.73 -11.46
CA VAL B 52 -28.44 1.91 -11.55
C VAL B 52 -29.54 1.77 -10.52
N LYS B 53 -29.55 2.65 -9.51
CA LYS B 53 -30.58 2.63 -8.49
C LYS B 53 -31.66 3.64 -8.84
N ARG B 54 -32.92 3.19 -8.83
CA ARG B 54 -34.07 4.06 -9.05
C ARG B 54 -34.73 4.38 -7.71
N ILE B 55 -34.89 5.66 -7.43
CA ILE B 55 -35.48 6.12 -6.18
C ILE B 55 -36.77 6.90 -6.49
N LEU B 56 -37.56 7.12 -5.44
CA LEU B 56 -38.89 7.72 -5.54
C LEU B 56 -38.82 9.22 -5.29
N PRO B 57 -39.87 9.98 -5.68
CA PRO B 57 -39.86 11.43 -5.44
C PRO B 57 -39.71 11.80 -3.97
N GLU B 58 -40.28 11.02 -3.06
CA GLU B 58 -40.10 11.24 -1.63
C GLU B 58 -38.67 11.02 -1.17
N CYS B 59 -37.75 10.76 -2.09
CA CYS B 59 -36.37 10.48 -1.76
C CYS B 59 -35.39 11.43 -2.44
N PHE B 60 -35.89 12.38 -3.24
CA PHE B 60 -35.00 13.25 -4.02
C PHE B 60 -34.10 14.10 -3.14
N SER B 61 -34.61 14.53 -1.98
CA SER B 61 -33.79 15.38 -1.11
C SER B 61 -32.65 14.58 -0.49
N PHE B 62 -32.91 13.35 -0.03
CA PHE B 62 -31.86 12.54 0.56
C PHE B 62 -30.85 12.09 -0.49
N ALA B 63 -31.31 11.70 -1.68
CA ALA B 63 -30.40 11.22 -2.72
C ALA B 63 -29.40 12.31 -3.12
N ASP B 64 -29.87 13.55 -3.26
CA ASP B 64 -28.96 14.66 -3.54
C ASP B 64 -27.94 14.83 -2.42
N ARG B 65 -28.37 14.69 -1.16
CA ARG B 65 -27.43 14.74 -0.04
C ARG B 65 -26.45 13.58 -0.10
N GLU B 66 -26.96 12.37 -0.37
CA GLU B 66 -26.09 11.20 -0.51
C GLU B 66 -25.10 11.37 -1.65
N VAL B 67 -25.59 11.71 -2.84
CA VAL B 67 -24.71 11.88 -3.99
C VAL B 67 -23.67 12.96 -3.70
N GLN B 68 -24.11 14.08 -3.14
CA GLN B 68 -23.17 15.14 -2.77
C GLN B 68 -22.13 14.64 -1.78
N LEU B 69 -22.49 13.70 -0.91
CA LEU B 69 -21.52 13.16 0.02
C LEU B 69 -20.45 12.34 -0.70
N LEU B 70 -20.89 11.43 -1.57
CA LEU B 70 -19.94 10.54 -2.23
C LEU B 70 -19.29 11.14 -3.46
N ARG B 71 -19.92 12.14 -4.09
CA ARG B 71 -19.27 12.83 -5.20
C ARG B 71 -18.16 13.74 -4.69
N GLU B 72 -18.31 14.29 -3.48
CA GLU B 72 -17.37 15.27 -2.94
C GLU B 72 -16.30 14.63 -2.07
N SER B 73 -16.54 13.42 -1.55
CA SER B 73 -15.57 12.77 -0.68
C SER B 73 -14.40 12.20 -1.49
N ASP B 74 -13.26 12.09 -0.82
CA ASP B 74 -12.06 11.56 -1.45
C ASP B 74 -12.27 10.09 -1.84
N GLU B 75 -11.90 9.77 -3.08
CA GLU B 75 -11.99 8.40 -3.56
C GLU B 75 -11.07 7.49 -2.75
N HIS B 76 -11.46 6.21 -2.65
CA HIS B 76 -10.79 5.18 -1.88
C HIS B 76 -11.10 3.85 -2.56
N PRO B 77 -10.12 2.98 -2.74
CA PRO B 77 -10.37 1.74 -3.50
C PRO B 77 -11.42 0.82 -2.89
N ASN B 78 -11.74 0.94 -1.59
CA ASN B 78 -12.71 0.06 -0.94
C ASN B 78 -13.98 0.81 -0.54
N VAL B 79 -14.24 1.95 -1.16
CA VAL B 79 -15.55 2.58 -1.15
C VAL B 79 -16.04 2.60 -2.59
N ILE B 80 -17.33 2.29 -2.76
CA ILE B 80 -17.89 2.14 -4.10
C ILE B 80 -17.73 3.45 -4.89
N ARG B 81 -17.48 3.31 -6.20
CA ARG B 81 -17.20 4.46 -7.06
C ARG B 81 -18.50 4.99 -7.70
N TYR B 82 -18.80 6.27 -7.46
CA TYR B 82 -19.96 6.94 -8.04
C TYR B 82 -19.64 7.53 -9.41
N PHE B 83 -20.58 7.44 -10.36
CA PHE B 83 -20.35 7.90 -11.72
C PHE B 83 -21.23 9.04 -12.21
N CYS B 84 -22.53 9.01 -11.90
CA CYS B 84 -23.47 9.93 -12.53
C CYS B 84 -24.85 9.78 -11.90
N THR B 85 -25.56 10.90 -11.74
CA THR B 85 -26.96 10.89 -11.37
C THR B 85 -27.77 11.58 -12.46
N GLU B 86 -28.96 11.04 -12.73
CA GLU B 86 -29.91 11.64 -13.66
C GLU B 86 -31.28 11.67 -13.01
N LYS B 87 -32.07 12.65 -13.39
CA LYS B 87 -33.44 12.77 -12.91
C LYS B 87 -34.38 12.89 -14.11
N ASP B 88 -35.55 12.28 -14.00
CA ASP B 88 -36.57 12.44 -15.03
C ASP B 88 -37.83 13.00 -14.37
N ARG B 89 -38.95 12.91 -15.09
CA ARG B 89 -40.20 13.45 -14.57
C ARG B 89 -40.67 12.71 -13.33
N GLN B 90 -40.24 11.46 -13.12
CA GLN B 90 -40.77 10.63 -12.06
C GLN B 90 -39.72 10.13 -11.05
N PHE B 91 -38.49 9.87 -11.48
CA PHE B 91 -37.51 9.23 -10.61
C PHE B 91 -36.17 9.92 -10.73
N GLN B 92 -35.32 9.69 -9.73
CA GLN B 92 -33.89 9.91 -9.85
C GLN B 92 -33.20 8.57 -10.02
N TYR B 93 -32.10 8.59 -10.76
CA TYR B 93 -31.31 7.39 -11.03
C TYR B 93 -29.87 7.66 -10.64
N ILE B 94 -29.29 6.76 -9.87
CA ILE B 94 -27.91 6.87 -9.41
C ILE B 94 -27.13 5.72 -10.01
N ALA B 95 -26.12 6.05 -10.82
CA ALA B 95 -25.26 5.06 -11.44
C ALA B 95 -23.96 4.95 -10.66
N ILE B 96 -23.58 3.72 -10.32
CA ILE B 96 -22.32 3.45 -9.64
C ILE B 96 -21.69 2.22 -10.28
N GLU B 97 -20.42 2.00 -9.94
CA GLU B 97 -19.65 0.87 -10.44
C GLU B 97 -20.39 -0.44 -10.24
N LEU B 98 -20.43 -1.24 -11.31
CA LEU B 98 -21.12 -2.52 -11.27
C LEU B 98 -20.26 -3.55 -10.55
N CYS B 99 -20.87 -4.31 -9.64
CA CYS B 99 -20.15 -5.28 -8.83
C CYS B 99 -20.67 -6.67 -9.12
N ALA B 100 -19.83 -7.67 -8.80
CA ALA B 100 -20.18 -9.04 -9.17
C ALA B 100 -21.13 -9.67 -8.17
N ALA B 101 -21.02 -9.30 -6.90
CA ALA B 101 -21.70 -10.05 -5.84
C ALA B 101 -21.69 -9.23 -4.57
N THR B 102 -22.53 -9.64 -3.62
CA THR B 102 -22.43 -9.17 -2.24
C THR B 102 -21.49 -10.09 -1.46
N LEU B 103 -21.01 -9.58 -0.33
CA LEU B 103 -20.24 -10.43 0.59
C LEU B 103 -21.08 -11.60 1.09
N GLN B 104 -22.40 -11.40 1.22
CA GLN B 104 -23.30 -12.47 1.62
C GLN B 104 -23.29 -13.61 0.62
N GLU B 105 -23.39 -13.27 -0.67
CA GLU B 105 -23.33 -14.29 -1.72
C GLU B 105 -21.94 -14.94 -1.79
N TYR B 106 -20.90 -14.19 -1.46
CA TYR B 106 -19.56 -14.77 -1.43
C TYR B 106 -19.46 -15.85 -0.36
N VAL B 107 -20.04 -15.61 0.81
CA VAL B 107 -19.92 -16.55 1.92
C VAL B 107 -20.84 -17.76 1.72
N GLU B 108 -22.04 -17.53 1.17
CA GLU B 108 -22.94 -18.65 0.90
C GLU B 108 -22.38 -19.54 -0.20
N GLN B 109 -21.82 -18.95 -1.25
CA GLN B 109 -21.50 -19.65 -2.48
C GLN B 109 -20.02 -19.97 -2.61
N LYS B 110 -19.32 -20.25 -1.52
CA LYS B 110 -17.89 -20.46 -1.65
C LYS B 110 -17.42 -21.49 -0.64
N ASP B 111 -16.22 -22.00 -0.92
CA ASP B 111 -15.55 -23.03 -0.15
C ASP B 111 -14.13 -22.54 0.08
N PHE B 112 -13.78 -22.30 1.34
CA PHE B 112 -12.61 -21.51 1.69
C PHE B 112 -11.32 -22.33 1.72
N ALA B 113 -11.20 -23.30 0.82
CA ALA B 113 -9.97 -24.06 0.61
C ALA B 113 -9.16 -23.53 -0.57
N HIS B 114 -9.83 -23.21 -1.67
CA HIS B 114 -9.20 -22.69 -2.89
C HIS B 114 -9.00 -21.18 -2.83
N LEU B 115 -9.45 -20.52 -1.77
CA LEU B 115 -9.35 -19.07 -1.64
C LEU B 115 -8.10 -18.64 -0.88
N GLY B 116 -7.69 -19.40 0.12
CA GLY B 116 -6.51 -19.07 0.89
C GLY B 116 -6.68 -17.86 1.77
N LEU B 117 -5.86 -16.82 1.56
CA LEU B 117 -5.95 -15.60 2.34
C LEU B 117 -6.89 -14.56 1.72
N GLU B 118 -7.71 -14.96 0.74
CA GLU B 118 -8.67 -14.04 0.14
C GLU B 118 -9.78 -13.63 1.11
N PRO B 119 -10.29 -14.52 1.97
CA PRO B 119 -11.25 -14.07 2.98
C PRO B 119 -10.69 -13.01 3.92
N ILE B 120 -9.44 -13.17 4.34
CA ILE B 120 -8.84 -12.21 5.27
C ILE B 120 -8.48 -10.92 4.55
N THR B 121 -8.01 -11.00 3.30
CA THR B 121 -7.80 -9.80 2.50
C THR B 121 -9.10 -9.05 2.30
N LEU B 122 -10.19 -9.78 2.10
CA LEU B 122 -11.50 -9.15 1.96
C LEU B 122 -11.89 -8.38 3.21
N LEU B 123 -11.66 -8.97 4.40
CA LEU B 123 -11.98 -8.25 5.62
C LEU B 123 -11.08 -7.05 5.83
N GLN B 124 -9.83 -7.14 5.37
CA GLN B 124 -8.91 -6.03 5.55
C GLN B 124 -9.27 -4.86 4.64
N GLN B 125 -9.78 -5.16 3.45
CA GLN B 125 -10.27 -4.12 2.55
C GLN B 125 -11.51 -3.45 3.13
N THR B 126 -12.47 -4.25 3.62
CA THR B 126 -13.64 -3.69 4.27
C THR B 126 -13.24 -2.75 5.41
N THR B 127 -12.25 -3.17 6.21
CA THR B 127 -11.83 -2.36 7.35
C THR B 127 -11.13 -1.08 6.88
N SER B 128 -10.35 -1.16 5.81
CA SER B 128 -9.73 0.04 5.24
C SER B 128 -10.79 1.04 4.77
N GLY B 129 -11.81 0.54 4.05
CA GLY B 129 -12.90 1.42 3.66
C GLY B 129 -13.55 2.09 4.85
N LEU B 130 -13.75 1.34 5.94
CA LEU B 130 -14.41 1.89 7.11
C LEU B 130 -13.52 2.91 7.81
N ALA B 131 -12.21 2.65 7.91
CA ALA B 131 -11.30 3.63 8.46
C ALA B 131 -11.29 4.89 7.61
N HIS B 132 -11.51 4.76 6.31
CA HIS B 132 -11.54 5.94 5.45
C HIS B 132 -12.78 6.76 5.72
N LEU B 133 -13.95 6.11 5.83
CA LEU B 133 -15.17 6.81 6.22
C LEU B 133 -14.98 7.54 7.54
N HIS B 134 -14.51 6.82 8.56
CA HIS B 134 -14.41 7.39 9.91
C HIS B 134 -13.48 8.58 9.95
N SER B 135 -12.38 8.55 9.19
CA SER B 135 -11.47 9.69 9.18
C SER B 135 -12.05 10.88 8.44
N LEU B 136 -13.16 10.69 7.73
CA LEU B 136 -13.96 11.77 7.18
C LEU B 136 -15.16 12.11 8.07
N ASN B 137 -15.19 11.57 9.29
CA ASN B 137 -16.23 11.83 10.28
C ASN B 137 -17.58 11.26 9.86
N ILE B 138 -17.58 10.21 9.05
CA ILE B 138 -18.78 9.56 8.56
C ILE B 138 -18.93 8.23 9.28
N VAL B 139 -20.06 8.04 9.97
CA VAL B 139 -20.42 6.75 10.56
C VAL B 139 -21.42 6.07 9.62
N HIS B 140 -21.15 4.81 9.29
CA HIS B 140 -21.98 4.13 8.29
C HIS B 140 -23.35 3.75 8.86
N ARG B 141 -23.35 3.09 10.02
CA ARG B 141 -24.51 2.69 10.85
C ARG B 141 -25.34 1.57 10.26
N ASP B 142 -24.99 0.99 9.11
CA ASP B 142 -25.74 -0.13 8.55
C ASP B 142 -24.80 -1.15 7.88
N LEU B 143 -23.60 -1.30 8.40
CA LEU B 143 -22.65 -2.26 7.85
C LEU B 143 -23.16 -3.68 8.03
N LYS B 144 -23.12 -4.46 6.97
CA LYS B 144 -23.62 -5.84 6.99
C LYS B 144 -23.16 -6.53 5.71
N PRO B 145 -23.17 -7.86 5.68
CA PRO B 145 -22.67 -8.57 4.49
C PRO B 145 -23.42 -8.22 3.22
N HIS B 146 -24.70 -7.91 3.33
CA HIS B 146 -25.52 -7.64 2.15
C HIS B 146 -25.09 -6.38 1.41
N ASN B 147 -24.55 -5.38 2.10
CA ASN B 147 -24.16 -4.16 1.40
C ASN B 147 -22.64 -3.95 1.37
N ILE B 148 -21.86 -4.97 1.68
CA ILE B 148 -20.45 -4.98 1.32
C ILE B 148 -20.36 -5.68 -0.03
N LEU B 149 -19.80 -4.99 -1.02
CA LEU B 149 -19.89 -5.46 -2.39
C LEU B 149 -18.53 -5.97 -2.88
N ILE B 150 -18.58 -7.03 -3.69
CA ILE B 150 -17.40 -7.64 -4.29
C ILE B 150 -17.28 -7.19 -5.75
N SER B 151 -16.18 -6.55 -6.09
CA SER B 151 -15.96 -6.03 -7.44
C SER B 151 -15.97 -7.15 -8.48
N MET B 152 -16.24 -6.75 -9.72
CA MET B 152 -15.90 -7.56 -10.88
C MET B 152 -14.39 -7.74 -10.94
N PRO B 153 -13.91 -8.87 -11.44
CA PRO B 153 -12.46 -9.07 -11.54
C PRO B 153 -11.85 -8.06 -12.50
N ASN B 154 -10.72 -7.49 -12.09
CA ASN B 154 -10.07 -6.52 -12.97
C ASN B 154 -9.39 -7.27 -14.10
N ALA B 155 -8.58 -6.56 -14.89
CA ALA B 155 -7.93 -7.17 -16.05
C ALA B 155 -6.98 -8.29 -15.67
N HIS B 156 -6.59 -8.37 -14.39
CA HIS B 156 -5.72 -9.43 -13.89
C HIS B 156 -6.48 -10.50 -13.13
N GLY B 157 -7.79 -10.36 -12.97
CA GLY B 157 -8.60 -11.34 -12.27
C GLY B 157 -8.72 -11.14 -10.78
N LYS B 158 -8.09 -10.11 -10.22
CA LYS B 158 -8.21 -9.86 -8.80
C LYS B 158 -9.52 -9.13 -8.52
N ILE B 159 -10.03 -9.32 -7.29
CA ILE B 159 -11.27 -8.71 -6.85
C ILE B 159 -11.01 -8.02 -5.52
N LYS B 160 -11.98 -7.21 -5.09
CA LYS B 160 -11.84 -6.45 -3.87
C LYS B 160 -13.22 -6.19 -3.26
N ALA B 161 -13.22 -5.83 -1.98
CA ALA B 161 -14.41 -5.54 -1.23
C ALA B 161 -14.64 -4.04 -1.18
N MET B 162 -15.90 -3.62 -1.24
CA MET B 162 -16.28 -2.22 -1.27
C MET B 162 -17.49 -1.98 -0.39
N ILE B 163 -17.40 -0.93 0.42
CA ILE B 163 -18.53 -0.48 1.22
C ILE B 163 -19.48 0.32 0.33
N SER B 164 -20.78 0.06 0.48
CA SER B 164 -21.83 0.76 -0.24
C SER B 164 -22.99 1.02 0.73
N ASP B 165 -24.05 1.64 0.20
CA ASP B 165 -25.34 1.80 0.89
C ASP B 165 -25.24 2.77 2.05
N PHE B 166 -25.16 4.06 1.75
CA PHE B 166 -24.93 5.13 2.72
C PHE B 166 -26.21 5.85 3.12
N GLY B 167 -27.37 5.25 2.87
CA GLY B 167 -28.63 5.89 3.20
C GLY B 167 -28.85 6.11 4.68
N LEU B 168 -28.27 5.26 5.53
CA LEU B 168 -28.43 5.38 6.97
C LEU B 168 -27.25 6.05 7.65
N CYS B 169 -26.28 6.55 6.88
CA CYS B 169 -25.06 7.07 7.48
C CYS B 169 -25.31 8.47 8.06
N LYS B 170 -24.38 8.89 8.92
CA LYS B 170 -24.40 10.24 9.46
C LYS B 170 -23.02 10.86 9.39
N LYS B 171 -22.97 12.11 8.97
CA LYS B 171 -21.73 12.89 8.98
C LYS B 171 -21.75 13.76 10.22
N LEU B 172 -20.87 13.43 11.19
CA LEU B 172 -20.82 14.20 12.41
C LEU B 172 -20.36 15.62 12.11
N ALA B 173 -20.87 16.58 12.88
CA ALA B 173 -20.37 17.95 12.81
C ALA B 173 -18.93 18.00 13.27
N VAL B 174 -18.19 19.01 12.82
CA VAL B 174 -16.78 19.13 13.18
C VAL B 174 -16.67 19.35 14.68
N GLY B 175 -15.75 18.61 15.30
CA GLY B 175 -15.59 18.63 16.75
C GLY B 175 -16.40 17.58 17.48
N ARG B 176 -17.51 17.12 16.90
CA ARG B 176 -18.28 16.03 17.48
C ARG B 176 -17.55 14.71 17.29
N HIS B 177 -17.56 13.89 18.34
CA HIS B 177 -17.03 12.54 18.28
C HIS B 177 -18.15 11.52 18.46
N SEP B 178 -19.35 12.02 18.74
CA SEP B 178 -20.52 11.17 18.97
CB SEP B 178 -20.79 11.03 20.46
OG SEP B 178 -21.61 12.09 20.94
C SEP B 178 -21.76 11.74 18.25
O SEP B 178 -21.73 12.87 17.77
P SEP B 178 -20.87 13.08 21.97
O1P SEP B 178 -20.62 12.34 23.38
O2P SEP B 178 -19.47 13.55 21.32
O3P SEP B 178 -21.78 14.38 22.22
N PHE B 179 -22.82 10.94 18.16
CA PHE B 179 -24.11 11.43 17.67
C PHE B 179 -25.23 11.02 18.62
N SEP B 180 -26.33 11.78 18.64
CA SEP B 180 -27.44 11.46 19.53
CB SEP B 180 -28.12 12.73 20.02
OG SEP B 180 -28.79 13.42 18.98
C SEP B 180 -28.44 10.54 18.86
O SEP B 180 -28.46 10.42 17.63
P SEP B 180 -29.42 14.77 19.60
O1P SEP B 180 -30.52 14.39 20.73
O2P SEP B 180 -30.14 15.61 18.43
O3P SEP B 180 -28.23 15.63 20.28
N ARG B 181 -29.28 9.88 19.66
CA ARG B 181 -30.21 8.85 19.15
C ARG B 181 -31.54 9.41 18.66
N ARG B 182 -31.60 10.73 18.51
CA ARG B 182 -32.84 11.43 18.15
C ARG B 182 -33.52 10.86 16.91
N SEP B 183 -32.72 10.36 15.97
CA SEP B 183 -33.26 9.77 14.74
CB SEP B 183 -32.21 9.79 13.63
OG SEP B 183 -31.81 11.10 13.34
C SEP B 183 -33.71 8.35 15.00
O SEP B 183 -34.35 7.73 14.15
P SEP B 183 -30.37 11.10 12.58
O1P SEP B 183 -29.22 10.57 13.58
O2P SEP B 183 -30.10 12.64 12.16
O3P SEP B 183 -30.40 10.14 11.28
N GLY B 184 -33.35 7.82 16.15
CA GLY B 184 -33.75 6.47 16.51
C GLY B 184 -32.67 5.43 16.24
N VAL B 185 -33.08 4.34 15.60
CA VAL B 185 -32.19 3.20 15.42
C VAL B 185 -32.02 2.91 13.93
N PRO B 186 -31.07 3.56 13.26
CA PRO B 186 -30.69 3.10 11.93
C PRO B 186 -29.91 1.80 12.04
N GLY B 187 -30.15 0.92 11.07
CA GLY B 187 -29.46 -0.35 11.10
C GLY B 187 -30.33 -1.50 10.70
N THR B 188 -29.77 -2.70 10.68
CA THR B 188 -30.52 -3.90 10.33
C THR B 188 -30.50 -4.84 11.52
N GLU B 189 -31.66 -5.39 11.85
CA GLU B 189 -31.80 -6.26 13.01
C GLU B 189 -30.79 -7.41 12.96
N GLY B 190 -30.03 -7.55 14.03
CA GLY B 190 -28.98 -8.55 14.09
C GLY B 190 -27.58 -7.99 13.89
N TRP B 191 -27.45 -6.74 13.45
CA TRP B 191 -26.13 -6.14 13.28
C TRP B 191 -26.01 -4.81 14.01
N ILE B 192 -27.00 -4.45 14.84
CA ILE B 192 -27.05 -3.17 15.53
C ILE B 192 -26.34 -3.27 16.88
N ALA B 193 -25.44 -2.33 17.13
CA ALA B 193 -24.70 -2.31 18.38
C ALA B 193 -25.65 -2.18 19.57
N PRO B 194 -25.37 -2.85 20.69
CA PRO B 194 -26.34 -2.87 21.80
C PRO B 194 -26.63 -1.50 22.40
N GLU B 195 -25.63 -0.62 22.48
CA GLU B 195 -25.84 0.71 23.02
C GLU B 195 -26.85 1.52 22.20
N MET B 196 -27.13 1.12 20.96
CA MET B 196 -28.14 1.78 20.16
C MET B 196 -29.55 1.44 20.64
N LEU B 197 -29.74 0.27 21.24
CA LEU B 197 -31.05 -0.22 21.62
C LEU B 197 -31.18 -0.32 23.14
N SER B 198 -30.61 0.63 23.88
CA SER B 198 -30.63 0.63 25.34
C SER B 198 -31.35 1.86 25.86
N GLU B 199 -32.28 1.65 26.80
CA GLU B 199 -33.05 2.75 27.38
C GLU B 199 -32.24 3.54 28.40
N ASP B 200 -31.31 2.88 29.10
CA ASP B 200 -30.61 3.45 30.25
C ASP B 200 -29.15 3.74 29.97
N CYS B 201 -28.78 3.90 28.71
CA CYS B 201 -27.39 4.16 28.35
C CYS B 201 -27.15 5.67 28.31
N LYS B 202 -26.23 6.14 29.14
CA LYS B 202 -25.98 7.58 29.25
C LYS B 202 -25.12 8.12 28.12
N GLU B 203 -24.29 7.27 27.52
CA GLU B 203 -23.27 7.71 26.56
C GLU B 203 -23.82 7.66 25.14
N ASN B 204 -23.62 8.75 24.38
CA ASN B 204 -24.04 8.76 22.99
C ASN B 204 -23.27 7.72 22.18
N PRO B 205 -23.90 7.15 21.16
CA PRO B 205 -23.18 6.27 20.25
C PRO B 205 -22.16 7.05 19.44
N THR B 206 -21.17 6.33 18.93
CA THR B 206 -20.09 6.95 18.19
C THR B 206 -19.65 5.99 17.09
N TYR B 207 -18.45 6.22 16.55
CA TYR B 207 -17.93 5.41 15.46
C TYR B 207 -17.89 3.93 15.78
N THR B 208 -17.85 3.57 17.07
CA THR B 208 -17.72 2.17 17.43
C THR B 208 -18.97 1.34 17.15
N VAL B 209 -20.12 1.97 16.82
CA VAL B 209 -21.24 1.13 16.38
C VAL B 209 -20.86 0.37 15.12
N ASP B 210 -20.03 0.98 14.25
CA ASP B 210 -19.54 0.29 13.05
C ASP B 210 -18.55 -0.82 13.40
N ILE B 211 -17.76 -0.65 14.45
CA ILE B 211 -16.82 -1.71 14.81
C ILE B 211 -17.56 -2.96 15.26
N PHE B 212 -18.66 -2.78 16.01
CA PHE B 212 -19.45 -3.92 16.45
C PHE B 212 -20.05 -4.66 15.28
N SER B 213 -20.61 -3.91 14.31
CA SER B 213 -21.15 -4.52 13.10
C SER B 213 -20.06 -5.23 12.31
N ALA B 214 -18.90 -4.59 12.16
CA ALA B 214 -17.80 -5.20 11.42
C ALA B 214 -17.33 -6.47 12.12
N GLY B 215 -17.28 -6.44 13.46
CA GLY B 215 -16.92 -7.64 14.19
C GLY B 215 -17.79 -8.83 13.85
N CYS B 216 -19.11 -8.61 13.82
CA CYS B 216 -20.03 -9.67 13.40
C CYS B 216 -19.72 -10.13 11.98
N VAL B 217 -19.41 -9.18 11.08
CA VAL B 217 -19.06 -9.52 9.71
C VAL B 217 -17.80 -10.36 9.66
N PHE B 218 -16.78 -9.97 10.41
CA PHE B 218 -15.56 -10.79 10.52
C PHE B 218 -15.90 -12.24 10.86
N TYR B 219 -16.67 -12.44 11.92
CA TYR B 219 -17.00 -13.81 12.32
C TYR B 219 -17.85 -14.50 11.26
N TYR B 220 -18.82 -13.76 10.71
CA TYR B 220 -19.66 -14.32 9.66
C TYR B 220 -18.82 -14.85 8.50
N VAL B 221 -17.80 -14.10 8.09
CA VAL B 221 -16.97 -14.55 6.96
C VAL B 221 -16.15 -15.77 7.34
N ILE B 222 -15.38 -15.70 8.44
CA ILE B 222 -14.46 -16.79 8.69
C ILE B 222 -15.16 -18.03 9.22
N SER B 223 -16.37 -17.90 9.76
CA SER B 223 -17.14 -19.09 10.09
C SER B 223 -17.92 -19.62 8.89
N GLU B 224 -17.89 -18.92 7.76
CA GLU B 224 -18.55 -19.36 6.54
C GLU B 224 -20.07 -19.39 6.72
N GLY B 225 -20.61 -18.45 7.50
CA GLY B 225 -22.05 -18.30 7.56
C GLY B 225 -22.68 -18.06 8.92
N SER B 226 -21.96 -18.33 10.01
CA SER B 226 -22.56 -18.19 11.33
C SER B 226 -22.45 -16.74 11.82
N HIS B 227 -23.27 -16.42 12.82
CA HIS B 227 -23.30 -15.12 13.46
C HIS B 227 -22.91 -15.26 14.92
N PRO B 228 -22.17 -14.31 15.49
CA PRO B 228 -21.78 -14.47 16.89
C PRO B 228 -22.97 -14.52 17.83
N PHE B 229 -24.13 -14.00 17.44
CA PHE B 229 -25.29 -13.93 18.31
C PHE B 229 -26.43 -14.83 17.81
N GLY B 230 -26.08 -15.91 17.11
CA GLY B 230 -27.03 -16.94 16.74
C GLY B 230 -27.79 -16.71 15.44
N LYS B 231 -28.98 -17.30 15.34
CA LYS B 231 -29.82 -17.25 14.15
C LYS B 231 -30.65 -15.98 14.13
N SER B 232 -31.07 -15.57 12.93
CA SER B 232 -31.49 -14.18 12.71
C SER B 232 -32.70 -13.79 13.55
N LEU B 233 -33.58 -14.74 13.88
CA LEU B 233 -34.81 -14.37 14.59
C LEU B 233 -34.52 -13.96 16.03
N GLN B 234 -33.65 -14.69 16.74
CA GLN B 234 -33.25 -14.34 18.09
C GLN B 234 -31.95 -13.54 18.12
N ARG B 235 -31.47 -13.11 16.96
CA ARG B 235 -30.12 -12.55 16.86
C ARG B 235 -29.99 -11.23 17.63
N GLN B 236 -30.93 -10.31 17.41
CA GLN B 236 -30.82 -9.00 18.04
C GLN B 236 -31.17 -9.04 19.52
N ALA B 237 -32.03 -9.98 19.93
CA ALA B 237 -32.31 -10.15 21.35
C ALA B 237 -31.07 -10.63 22.10
N ASN B 238 -30.31 -11.55 21.49
CA ASN B 238 -29.09 -12.04 22.12
C ASN B 238 -28.05 -10.92 22.26
N ILE B 239 -28.02 -9.98 21.31
CA ILE B 239 -27.07 -8.86 21.38
C ILE B 239 -27.32 -8.03 22.63
N LEU B 240 -28.60 -7.69 22.88
CA LEU B 240 -28.94 -6.90 24.07
C LEU B 240 -28.55 -7.61 25.36
N LEU B 241 -28.62 -8.94 25.37
CA LEU B 241 -28.25 -9.72 26.55
C LEU B 241 -26.75 -10.00 26.62
N GLY B 242 -26.00 -9.67 25.57
CA GLY B 242 -24.60 -10.06 25.51
C GLY B 242 -24.38 -11.53 25.29
N ALA B 243 -25.37 -12.24 24.74
CA ALA B 243 -25.30 -13.70 24.59
C ALA B 243 -24.68 -14.03 23.23
N CYS B 244 -23.34 -14.00 23.19
CA CYS B 244 -22.62 -14.32 21.97
C CYS B 244 -21.90 -15.66 22.12
N SER B 245 -21.51 -16.21 20.97
CA SER B 245 -20.87 -17.52 20.94
C SER B 245 -20.00 -17.62 19.70
N LEU B 246 -18.72 -17.92 19.89
CA LEU B 246 -17.78 -18.04 18.78
C LEU B 246 -17.31 -19.48 18.59
N ASP B 247 -18.27 -20.41 18.42
CA ASP B 247 -17.97 -21.85 18.49
C ASP B 247 -17.01 -22.29 17.40
N CYS B 248 -17.12 -21.72 16.22
CA CYS B 248 -16.35 -22.17 15.08
C CYS B 248 -14.86 -21.86 15.20
N LEU B 249 -14.46 -21.12 16.25
CA LEU B 249 -13.06 -20.82 16.54
C LEU B 249 -12.62 -21.70 17.71
N HIS B 250 -11.89 -22.77 17.39
CA HIS B 250 -11.45 -23.72 18.40
C HIS B 250 -10.26 -23.15 19.18
N PRO B 251 -10.27 -23.26 20.51
CA PRO B 251 -9.29 -22.57 21.34
C PRO B 251 -7.90 -23.21 21.37
N GLU B 252 -7.61 -24.18 20.50
CA GLU B 252 -6.27 -24.75 20.46
C GLU B 252 -5.71 -24.77 19.03
N LYS B 253 -6.30 -24.00 18.12
CA LYS B 253 -5.72 -23.75 16.81
C LYS B 253 -5.25 -22.30 16.75
N HIS B 254 -3.99 -22.10 16.36
CA HIS B 254 -3.37 -20.79 16.48
C HIS B 254 -4.13 -19.71 15.70
N GLU B 255 -4.52 -20.01 14.46
CA GLU B 255 -5.27 -19.02 13.68
C GLU B 255 -6.57 -18.63 14.38
N ASP B 256 -7.26 -19.62 14.98
CA ASP B 256 -8.54 -19.34 15.63
C ASP B 256 -8.37 -18.54 16.92
N VAL B 257 -7.27 -18.76 17.65
CA VAL B 257 -7.01 -17.99 18.87
C VAL B 257 -6.84 -16.51 18.53
N ILE B 258 -6.01 -16.21 17.52
CA ILE B 258 -5.79 -14.83 17.12
C ILE B 258 -7.08 -14.20 16.61
N ALA B 259 -7.85 -14.94 15.81
CA ALA B 259 -9.09 -14.37 15.29
C ALA B 259 -10.06 -14.07 16.42
N ARG B 260 -10.13 -14.97 17.42
CA ARG B 260 -11.01 -14.76 18.58
C ARG B 260 -10.58 -13.54 19.40
N GLU B 261 -9.28 -13.34 19.56
CA GLU B 261 -8.81 -12.20 20.35
C GLU B 261 -9.29 -10.89 19.75
N LEU B 262 -9.26 -10.77 18.43
CA LEU B 262 -9.69 -9.54 17.79
C LEU B 262 -11.21 -9.38 17.82
N ILE B 263 -11.93 -10.42 17.40
CA ILE B 263 -13.38 -10.34 17.23
C ILE B 263 -14.08 -10.06 18.56
N GLU B 264 -13.65 -10.73 19.64
CA GLU B 264 -14.25 -10.50 20.95
C GLU B 264 -14.20 -9.02 21.33
N LYS B 265 -13.11 -8.33 21.00
CA LYS B 265 -13.05 -6.91 21.31
C LYS B 265 -13.91 -6.09 20.35
N MET B 266 -14.01 -6.52 19.09
CA MET B 266 -14.83 -5.78 18.14
C MET B 266 -16.30 -5.83 18.53
N ILE B 267 -16.77 -6.94 19.09
CA ILE B 267 -18.17 -7.09 19.47
C ILE B 267 -18.37 -6.92 20.97
N ALA B 268 -17.42 -6.29 21.66
CA ALA B 268 -17.55 -6.12 23.10
C ALA B 268 -18.75 -5.25 23.43
N MET B 269 -19.35 -5.51 24.59
CA MET B 269 -20.55 -4.79 24.99
C MET B 269 -20.25 -3.34 25.35
N ASP B 270 -19.11 -3.10 25.99
CA ASP B 270 -18.71 -1.74 26.29
C ASP B 270 -18.15 -1.09 25.03
N PRO B 271 -18.83 -0.06 24.48
CA PRO B 271 -18.36 0.54 23.22
C PRO B 271 -16.94 1.04 23.28
N GLN B 272 -16.54 1.65 24.39
CA GLN B 272 -15.19 2.17 24.54
C GLN B 272 -14.12 1.09 24.53
N LYS B 273 -14.48 -0.19 24.64
CA LYS B 273 -13.49 -1.24 24.57
C LYS B 273 -13.26 -1.78 23.16
N ARG B 274 -13.98 -1.25 22.16
CA ARG B 274 -13.78 -1.71 20.80
C ARG B 274 -12.63 -0.94 20.17
N PRO B 275 -11.72 -1.60 19.46
CA PRO B 275 -10.65 -0.88 18.75
C PRO B 275 -11.23 -0.09 17.59
N SER B 276 -10.69 1.10 17.38
CA SER B 276 -11.02 1.84 16.18
C SER B 276 -10.56 1.06 14.95
N ALA B 277 -11.13 1.40 13.79
CA ALA B 277 -10.85 0.66 12.56
C ALA B 277 -9.35 0.59 12.28
N LYS B 278 -8.64 1.69 12.53
CA LYS B 278 -7.20 1.69 12.33
C LYS B 278 -6.48 0.80 13.33
N HIS B 279 -6.98 0.69 14.57
CA HIS B 279 -6.47 -0.32 15.50
C HIS B 279 -6.66 -1.73 14.94
N VAL B 280 -7.86 -2.02 14.43
CA VAL B 280 -8.17 -3.35 13.90
C VAL B 280 -7.11 -3.79 12.90
N LEU B 281 -6.73 -2.86 12.00
CA LEU B 281 -5.82 -3.17 10.91
C LEU B 281 -4.42 -3.56 11.39
N LYS B 282 -4.02 -3.13 12.58
CA LYS B 282 -2.73 -3.46 13.17
C LYS B 282 -2.72 -4.80 13.89
N HIS B 283 -3.89 -5.40 14.13
CA HIS B 283 -3.98 -6.63 14.91
C HIS B 283 -3.24 -7.79 14.20
N PRO B 284 -2.71 -8.74 14.96
CA PRO B 284 -1.98 -9.87 14.33
C PRO B 284 -2.85 -10.75 13.44
N PHE B 285 -4.16 -10.59 13.48
CA PHE B 285 -5.05 -11.29 12.56
C PHE B 285 -4.64 -11.03 11.11
N PHE B 286 -4.06 -9.87 10.82
CA PHE B 286 -3.68 -9.50 9.46
C PHE B 286 -2.18 -9.62 9.20
N TRP B 287 -1.43 -10.20 10.13
CA TRP B 287 0.01 -10.35 9.94
C TRP B 287 0.32 -11.57 9.08
N SER B 288 1.27 -11.40 8.16
CA SER B 288 1.85 -12.53 7.46
C SER B 288 2.73 -13.35 8.42
N LEU B 289 3.04 -14.57 7.98
CA LEU B 289 3.93 -15.44 8.76
C LEU B 289 5.25 -14.75 9.07
N GLU B 290 5.84 -14.08 8.07
CA GLU B 290 7.14 -13.43 8.27
C GLU B 290 7.08 -12.36 9.35
N LYS B 291 5.98 -11.60 9.38
CA LYS B 291 5.86 -10.53 10.36
C LYS B 291 5.66 -11.08 11.77
N GLN B 292 4.96 -12.22 11.89
CA GLN B 292 4.78 -12.85 13.20
C GLN B 292 6.12 -13.30 13.78
N LEU B 293 6.93 -13.95 12.95
CA LEU B 293 8.27 -14.33 13.39
C LEU B 293 9.12 -13.11 13.71
N GLN B 294 9.01 -12.05 12.90
CA GLN B 294 9.73 -10.82 13.20
C GLN B 294 9.28 -10.21 14.52
N PHE B 295 8.00 -10.33 14.85
CA PHE B 295 7.51 -9.86 16.15
C PHE B 295 8.09 -10.68 17.28
N PHE B 296 8.12 -12.00 17.13
CA PHE B 296 8.77 -12.86 18.12
C PHE B 296 10.23 -12.50 18.30
N GLN B 297 10.93 -12.18 17.21
CA GLN B 297 12.34 -11.82 17.31
C GLN B 297 12.51 -10.48 18.04
N ASP B 298 11.73 -9.47 17.63
CA ASP B 298 11.84 -8.16 18.27
C ASP B 298 11.51 -8.23 19.75
N VAL B 299 10.53 -9.05 20.12
CA VAL B 299 10.23 -9.24 21.54
C VAL B 299 11.41 -9.90 22.25
N SER B 300 11.89 -11.02 21.72
CA SER B 300 12.98 -11.75 22.36
C SER B 300 14.21 -10.85 22.54
N ASP B 301 14.51 -10.00 21.55
CA ASP B 301 15.60 -9.04 21.68
C ASP B 301 15.29 -7.98 22.72
N ARG B 302 14.01 -7.57 22.83
CA ARG B 302 13.63 -6.48 23.74
C ARG B 302 13.79 -6.88 25.20
N ILE B 303 13.53 -8.15 25.54
CA ILE B 303 13.48 -8.59 26.92
C ILE B 303 14.73 -9.37 27.32
N GLU B 304 15.73 -9.47 26.43
CA GLU B 304 16.90 -10.30 26.70
C GLU B 304 17.63 -9.85 27.95
N LYS B 305 17.66 -8.54 28.23
CA LYS B 305 18.34 -7.99 29.40
C LYS B 305 17.37 -7.50 30.47
N GLU B 306 16.09 -7.83 30.35
CA GLU B 306 15.10 -7.43 31.34
C GLU B 306 15.17 -8.36 32.54
N SER B 307 15.13 -7.79 33.75
CA SER B 307 15.21 -8.64 34.93
C SER B 307 13.94 -9.45 35.09
N LEU B 308 14.07 -10.61 35.77
CA LEU B 308 12.93 -11.49 35.96
C LEU B 308 11.84 -10.87 36.85
N ASP B 309 12.21 -9.91 37.70
CA ASP B 309 11.25 -9.22 38.57
C ASP B 309 10.62 -7.99 37.94
N GLY B 310 11.03 -7.62 36.74
CA GLY B 310 10.55 -6.40 36.14
C GLY B 310 9.13 -6.53 35.62
N PRO B 311 8.46 -5.39 35.43
CA PRO B 311 7.07 -5.44 34.95
C PRO B 311 6.89 -6.15 33.63
N ILE B 312 7.86 -6.06 32.70
CA ILE B 312 7.67 -6.63 31.37
C ILE B 312 7.68 -8.15 31.43
N VAL B 313 8.66 -8.72 32.14
CA VAL B 313 8.78 -10.18 32.18
C VAL B 313 7.69 -10.79 33.06
N LYS B 314 7.39 -10.17 34.20
CA LYS B 314 6.31 -10.68 35.04
C LYS B 314 5.01 -10.75 34.25
N GLN B 315 4.70 -9.71 33.48
CA GLN B 315 3.55 -9.73 32.60
C GLN B 315 3.64 -10.89 31.61
N LEU B 316 4.82 -11.11 31.02
CA LEU B 316 4.96 -12.14 30.01
C LEU B 316 4.84 -13.55 30.61
N GLU B 317 5.17 -13.72 31.89
CA GLU B 317 5.12 -15.03 32.53
C GLU B 317 3.81 -15.29 33.26
N ARG B 318 3.01 -14.25 33.51
CA ARG B 318 1.70 -14.40 34.12
C ARG B 318 0.84 -15.31 33.26
N GLY B 319 0.54 -16.51 33.75
CA GLY B 319 -0.15 -17.50 32.94
C GLY B 319 0.74 -18.22 31.95
N GLY B 320 2.06 -18.18 32.15
CA GLY B 320 2.97 -18.68 31.15
C GLY B 320 3.04 -20.19 31.02
N ARG B 321 2.82 -20.90 32.13
CA ARG B 321 2.96 -22.35 32.06
C ARG B 321 1.88 -22.99 31.20
N ALA B 322 0.67 -22.43 31.18
CA ALA B 322 -0.34 -22.94 30.27
C ALA B 322 0.04 -22.62 28.83
N VAL B 323 0.64 -21.45 28.60
CA VAL B 323 1.06 -21.06 27.25
C VAL B 323 2.10 -22.03 26.70
N VAL B 324 3.10 -22.37 27.51
CA VAL B 324 4.18 -23.25 27.03
C VAL B 324 3.82 -24.71 27.27
N LYS B 325 2.62 -24.96 27.79
CA LYS B 325 2.16 -26.31 28.11
C LYS B 325 3.06 -26.98 29.15
N MET B 326 3.24 -26.27 30.27
CA MET B 326 4.00 -26.74 31.43
C MET B 326 5.50 -26.80 31.16
N ASP B 327 5.90 -27.48 30.08
CA ASP B 327 7.32 -27.61 29.75
C ASP B 327 7.40 -27.67 28.22
N TRP B 328 7.77 -26.55 27.61
CA TRP B 328 7.77 -26.50 26.15
C TRP B 328 8.81 -27.44 25.56
N ARG B 329 9.92 -27.67 26.25
CA ARG B 329 10.93 -28.59 25.75
C ARG B 329 10.37 -29.99 25.55
N GLU B 330 9.27 -30.31 26.24
CA GLU B 330 8.58 -31.58 26.09
C GLU B 330 7.54 -31.56 24.99
N ASN B 331 7.22 -30.40 24.43
CA ASN B 331 6.19 -30.27 23.40
C ASN B 331 6.77 -29.91 22.04
N ILE B 332 8.07 -30.13 21.85
CA ILE B 332 8.70 -29.88 20.58
C ILE B 332 9.14 -31.21 20.00
N THR B 333 9.68 -31.16 18.78
CA THR B 333 10.05 -32.37 18.07
C THR B 333 11.37 -32.93 18.61
N VAL B 334 11.57 -34.23 18.44
CA VAL B 334 12.72 -34.90 19.04
C VAL B 334 14.05 -34.38 18.50
N PRO B 335 14.23 -34.15 17.18
CA PRO B 335 15.51 -33.56 16.73
C PRO B 335 15.81 -32.19 17.34
N LEU B 336 14.79 -31.36 17.59
CA LEU B 336 15.06 -30.10 18.28
C LEU B 336 15.32 -30.30 19.77
N GLN B 337 14.76 -31.34 20.38
CA GLN B 337 15.13 -31.64 21.77
C GLN B 337 16.60 -32.01 21.87
N THR B 338 17.04 -32.90 20.98
CA THR B 338 18.45 -33.32 20.94
C THR B 338 19.39 -32.13 20.75
N ASP B 339 19.00 -31.17 19.91
CA ASP B 339 19.87 -30.04 19.63
C ASP B 339 19.88 -29.03 20.77
N LEU B 340 18.78 -28.91 21.52
CA LEU B 340 18.75 -27.97 22.64
C LEU B 340 19.58 -28.45 23.83
N ARG B 341 19.81 -29.75 23.95
CA ARG B 341 20.54 -30.30 25.08
C ARG B 341 22.05 -30.10 24.97
N LYS B 342 22.59 -29.93 23.76
CA LYS B 342 24.02 -29.76 23.60
C LYS B 342 24.51 -28.43 24.17
N PHE B 343 23.60 -27.50 24.47
CA PHE B 343 23.94 -26.15 24.86
C PHE B 343 23.42 -25.85 26.26
N ARG B 344 23.46 -24.57 26.63
CA ARG B 344 22.91 -24.15 27.92
C ARG B 344 21.42 -24.49 27.97
N THR B 345 20.94 -24.76 29.19
CA THR B 345 19.56 -25.21 29.37
C THR B 345 18.61 -24.03 29.46
N TYR B 346 17.58 -24.05 28.63
CA TYR B 346 16.48 -23.11 28.74
C TYR B 346 15.48 -23.64 29.76
N LYS B 347 14.81 -22.70 30.44
CA LYS B 347 13.77 -23.06 31.41
C LYS B 347 12.50 -23.46 30.67
N GLY B 348 12.04 -24.69 30.90
CA GLY B 348 10.91 -25.23 30.15
C GLY B 348 9.58 -24.62 30.50
N GLY B 349 9.48 -23.93 31.63
CA GLY B 349 8.23 -23.30 32.01
C GLY B 349 8.17 -21.82 31.73
N SER B 350 9.14 -21.27 31.01
CA SER B 350 9.27 -19.83 30.82
C SER B 350 8.94 -19.46 29.37
N VAL B 351 7.93 -18.60 29.20
CA VAL B 351 7.62 -18.07 27.88
C VAL B 351 8.83 -17.33 27.31
N ARG B 352 9.52 -16.56 28.16
CA ARG B 352 10.70 -15.82 27.70
C ARG B 352 11.76 -16.75 27.11
N ASP B 353 12.00 -17.90 27.74
CA ASP B 353 13.03 -18.80 27.24
C ASP B 353 12.62 -19.48 25.95
N LEU B 354 11.33 -19.81 25.81
CA LEU B 354 10.85 -20.35 24.53
C LEU B 354 11.04 -19.33 23.41
N LEU B 355 10.78 -18.05 23.69
CA LEU B 355 11.08 -17.01 22.71
C LEU B 355 12.57 -16.89 22.48
N ARG B 356 13.39 -17.07 23.53
CA ARG B 356 14.84 -17.01 23.35
C ARG B 356 15.35 -18.17 22.50
N ALA B 357 14.78 -19.36 22.68
CA ALA B 357 15.15 -20.49 21.83
C ALA B 357 14.76 -20.24 20.39
N MET B 358 13.57 -19.69 20.15
CA MET B 358 13.14 -19.38 18.79
C MET B 358 14.10 -18.39 18.13
N ARG B 359 14.35 -17.27 18.80
CA ARG B 359 15.28 -16.27 18.28
C ARG B 359 16.65 -16.87 17.99
N ASN B 360 17.11 -17.79 18.85
CA ASN B 360 18.45 -18.34 18.67
C ASN B 360 18.50 -19.33 17.51
N LYS B 361 17.52 -20.22 17.41
CA LYS B 361 17.48 -21.11 16.26
C LYS B 361 17.21 -20.34 14.97
N LYS B 362 16.51 -19.21 15.05
CA LYS B 362 16.30 -18.40 13.84
C LYS B 362 17.59 -17.69 13.43
N HIS B 363 18.29 -17.09 14.39
CA HIS B 363 19.53 -16.37 14.08
C HIS B 363 20.60 -17.32 13.59
N HIS B 364 20.67 -18.52 14.15
CA HIS B 364 21.69 -19.49 13.77
C HIS B 364 21.16 -20.55 12.81
N TYR B 365 20.07 -20.26 12.10
CA TYR B 365 19.41 -21.25 11.26
C TYR B 365 20.38 -21.91 10.30
N ARG B 366 21.18 -21.10 9.60
CA ARG B 366 22.03 -21.58 8.52
C ARG B 366 23.08 -22.58 8.98
N GLU B 367 23.47 -22.56 10.25
CA GLU B 367 24.49 -23.49 10.75
C GLU B 367 23.89 -24.62 11.57
N LEU B 368 22.56 -24.71 11.66
CA LEU B 368 21.94 -25.80 12.39
C LEU B 368 22.17 -27.12 11.65
N PRO B 369 22.22 -28.23 12.38
CA PRO B 369 22.27 -29.54 11.72
C PRO B 369 21.07 -29.73 10.79
N ALA B 370 21.33 -30.40 9.66
CA ALA B 370 20.29 -30.62 8.66
C ALA B 370 19.06 -31.29 9.25
N GLU B 371 19.24 -32.13 10.28
CA GLU B 371 18.10 -32.73 10.95
C GLU B 371 17.23 -31.69 11.62
N VAL B 372 17.84 -30.64 12.17
CA VAL B 372 17.08 -29.63 12.89
C VAL B 372 16.39 -28.68 11.91
N ARG B 373 17.09 -28.29 10.84
CA ARG B 373 16.42 -27.52 9.80
C ARG B 373 15.28 -28.30 9.15
N GLU B 374 15.37 -29.63 9.16
CA GLU B 374 14.31 -30.44 8.55
C GLU B 374 13.03 -30.40 9.37
N THR B 375 13.11 -30.55 10.70
CA THR B 375 11.86 -30.53 11.47
C THR B 375 11.34 -29.12 11.67
N LEU B 376 12.21 -28.12 11.69
CA LEU B 376 11.74 -26.74 11.77
C LEU B 376 11.08 -26.29 10.46
N GLY B 377 11.56 -26.80 9.31
CA GLY B 377 11.10 -26.32 8.02
C GLY B 377 11.81 -25.05 7.58
N SER B 378 11.45 -24.56 6.41
CA SER B 378 12.15 -23.40 5.86
C SER B 378 11.85 -22.14 6.66
N LEU B 379 12.82 -21.22 6.66
CA LEU B 379 12.67 -19.89 7.21
C LEU B 379 11.99 -18.99 6.19
N PRO B 380 10.98 -18.20 6.58
CA PRO B 380 10.43 -18.11 7.94
C PRO B 380 9.09 -18.83 8.11
N ASP B 381 8.45 -19.21 7.00
CA ASP B 381 7.06 -19.64 7.01
C ASP B 381 6.88 -20.93 7.82
N ASP B 382 7.51 -22.02 7.39
CA ASP B 382 7.41 -23.28 8.13
C ASP B 382 7.96 -23.11 9.55
N PHE B 383 9.06 -22.38 9.69
CA PHE B 383 9.72 -22.21 10.99
C PHE B 383 8.76 -21.66 12.03
N VAL B 384 8.07 -20.55 11.71
CA VAL B 384 7.21 -19.93 12.71
C VAL B 384 5.99 -20.79 12.98
N CYS B 385 5.47 -21.48 11.97
CA CYS B 385 4.32 -22.35 12.20
C CYS B 385 4.69 -23.56 13.06
N TYR B 386 5.97 -23.96 13.04
CA TYR B 386 6.45 -25.02 13.92
C TYR B 386 6.11 -24.70 15.36
N PHE B 387 6.30 -23.44 15.76
CA PHE B 387 6.04 -23.01 17.13
C PHE B 387 4.59 -22.60 17.36
N THR B 388 3.97 -21.86 16.44
CA THR B 388 2.60 -21.40 16.68
C THR B 388 1.59 -22.54 16.63
N SER B 389 1.83 -23.56 15.81
CA SER B 389 0.93 -24.71 15.80
C SER B 389 1.11 -25.60 17.02
N ARG B 390 2.27 -25.57 17.68
CA ARG B 390 2.45 -26.33 18.90
C ARG B 390 2.08 -25.53 20.14
N PHE B 391 2.13 -24.21 20.07
CA PHE B 391 1.81 -23.34 21.20
C PHE B 391 0.79 -22.31 20.72
N PRO B 392 -0.47 -22.74 20.52
CA PRO B 392 -1.45 -21.88 19.83
C PRO B 392 -1.80 -20.59 20.57
N HIS B 393 -1.40 -20.44 21.83
CA HIS B 393 -1.64 -19.22 22.59
C HIS B 393 -0.40 -18.34 22.70
N LEU B 394 0.74 -18.77 22.15
CA LEU B 394 1.97 -18.01 22.31
C LEU B 394 1.84 -16.59 21.76
N LEU B 395 1.38 -16.44 20.51
CA LEU B 395 1.38 -15.12 19.87
C LEU B 395 0.35 -14.19 20.52
N ALA B 396 -0.88 -14.68 20.75
CA ALA B 396 -1.89 -13.86 21.40
C ALA B 396 -1.42 -13.41 22.78
N HIS B 397 -0.89 -14.35 23.57
CA HIS B 397 -0.45 -14.01 24.93
C HIS B 397 0.71 -13.03 24.90
N THR B 398 1.70 -13.27 24.04
CA THR B 398 2.82 -12.35 23.90
C THR B 398 2.37 -10.98 23.38
N TYR B 399 1.43 -10.96 22.42
CA TYR B 399 0.94 -9.69 21.91
C TYR B 399 0.31 -8.86 23.02
N ARG B 400 -0.56 -9.48 23.83
CA ARG B 400 -1.19 -8.77 24.92
C ARG B 400 -0.16 -8.34 25.97
N ALA B 401 0.75 -9.23 26.35
CA ALA B 401 1.71 -8.88 27.39
C ALA B 401 2.59 -7.72 26.97
N MET B 402 3.09 -7.72 25.73
CA MET B 402 4.03 -6.71 25.25
C MET B 402 3.34 -5.40 24.87
N GLU B 403 2.05 -5.27 25.18
CA GLU B 403 1.37 -3.98 25.09
C GLU B 403 2.09 -2.92 25.91
N LEU B 404 2.84 -3.32 26.94
CA LEU B 404 3.55 -2.35 27.76
C LEU B 404 4.59 -1.58 26.95
N CYS B 405 5.18 -2.20 25.93
CA CYS B 405 6.20 -1.57 25.12
C CYS B 405 5.63 -0.95 23.85
N SER B 406 4.31 -0.86 23.74
CA SER B 406 3.68 -0.52 22.47
C SER B 406 3.89 0.91 22.04
N HIS B 407 4.42 1.77 22.90
CA HIS B 407 4.72 3.14 22.50
C HIS B 407 6.19 3.31 22.06
N GLU B 408 7.03 2.30 22.26
CA GLU B 408 8.42 2.36 21.85
C GLU B 408 8.54 2.18 20.34
N ARG B 409 9.58 2.81 19.78
CA ARG B 409 9.75 2.83 18.32
C ARG B 409 9.81 1.42 17.73
N LEU B 410 10.49 0.49 18.41
CA LEU B 410 10.66 -0.87 17.88
C LEU B 410 9.32 -1.56 17.61
N PHE B 411 8.26 -1.21 18.35
CA PHE B 411 7.01 -1.96 18.29
C PHE B 411 5.89 -1.20 17.57
N GLN B 412 6.24 -0.17 16.82
CA GLN B 412 5.31 0.65 16.06
C GLN B 412 4.61 -0.11 14.94
N PRO B 413 5.31 -0.93 14.15
CA PRO B 413 4.60 -1.76 13.15
C PRO B 413 3.55 -2.71 13.72
N TYR B 414 3.55 -2.96 15.04
CA TYR B 414 2.70 -4.02 15.60
C TYR B 414 1.48 -3.52 16.34
N TYR B 415 1.52 -2.30 16.88
CA TYR B 415 0.42 -1.72 17.63
C TYR B 415 -0.02 -0.44 16.93
N PHE B 416 -0.98 0.26 17.53
CA PHE B 416 -1.43 1.55 17.03
C PHE B 416 -1.57 2.49 18.21
N HIS B 417 -1.16 3.74 18.02
CA HIS B 417 -1.27 4.75 19.07
C HIS B 417 -2.48 5.66 18.87
C4 N97 C . -5.55 13.11 -24.71
C5 N97 C . -6.07 12.05 -23.97
C6 N97 C . -6.98 11.19 -24.55
C13 N97 C . -5.09 15.89 -20.87
C15 N97 C . -7.28 16.79 -20.65
C17 N97 C . -6.93 14.96 -22.13
C20 N97 C . -4.49 18.60 -19.54
C22 N97 C . -4.21 19.59 -18.51
C28 N97 C . -4.35 20.66 -16.41
C1 N97 C . -7.37 11.39 -25.86
C12 N97 C . -5.58 14.97 -21.78
C14 N97 C . -5.94 16.80 -20.30
C16 N97 C . -7.78 15.88 -21.55
C2 N97 C . -6.84 12.44 -26.60
C23 N97 C . -4.74 19.54 -17.16
C25 N97 C . -5.88 18.72 -15.33
C27 N97 C . -4.79 20.74 -15.05
C3 N97 C . -5.93 13.30 -26.03
C30 N97 C . -3.48 20.70 -18.77
C32 N97 C . -3.71 22.98 -14.46
C34 N97 C . -2.22 22.65 -14.28
C35 N97 C . -1.37 23.90 -14.51
C36 N97 C . -1.81 25.01 -13.55
C38 N97 C . -3.27 25.36 -13.81
C39 N97 C . -4.12 24.11 -13.51
F41 N97 C . -3.78 15.89 -20.54
F42 N97 C . -7.24 12.62 -27.88
F7 N97 C . -5.69 11.87 -22.69
N11 N97 C . -4.71 14.05 -22.35
N19 N97 C . -5.53 17.78 -19.36
N24 N97 C . -5.51 18.60 -16.58
N26 N97 C . -5.55 19.75 -14.59
N31 N97 C . -4.50 21.78 -14.17
N40 N97 C . -0.98 26.20 -13.77
O10 N97 C . -4.75 15.50 -24.36
O21 N97 C . -3.82 18.56 -20.56
O9 N97 C . -3.08 13.65 -24.20
S29 N97 C . -3.36 21.70 -17.42
S8 N97 C . -4.39 14.18 -23.95
CL18 N97 C . -8.29 17.97 -19.89
C4 N97 D . -24.73 5.67 -2.97
C5 N97 D . -23.68 4.80 -3.15
C6 N97 D . -22.61 5.16 -3.95
C13 N97 D . -26.18 1.65 -3.83
C15 N97 D . -26.63 2.05 -6.14
C17 N97 D . -26.75 3.86 -4.60
C20 N97 D . -26.74 -1.20 -5.02
C22 N97 D . -26.44 -2.54 -5.56
C28 N97 D . -25.29 -4.16 -6.85
C1 N97 D . -22.61 6.39 -4.57
C12 N97 D . -26.41 3.00 -3.56
C14 N97 D . -26.28 1.18 -5.13
C16 N97 D . -26.85 3.39 -5.89
C2 N97 D . -23.66 7.26 -4.38
C23 N97 D . -25.31 -2.82 -6.43
C25 N97 D . -23.38 -2.44 -7.64
C27 N97 D . -24.25 -4.59 -7.71
C3 N97 D . -24.74 6.91 -3.58
C30 N97 D . -27.24 -3.60 -5.35
C32 N97 D . -25.01 -7.02 -8.03
C34 N97 D . -24.68 -7.74 -6.71
C35 N97 D . -25.64 -8.91 -6.53
C36 N97 D . -25.50 -9.89 -7.71
C38 N97 D . -25.80 -9.16 -9.03
C39 N97 D . -24.84 -7.99 -9.19
F41 N97 D . -25.84 0.79 -2.85
F42 N97 D . -23.64 8.46 -4.99
F7 N97 D . -23.73 3.59 -2.51
N11 N97 D . -26.30 3.51 -2.25
N19 N97 D . -26.06 -0.15 -5.51
N24 N97 D . -24.33 -1.99 -6.85
N26 N97 D . -23.34 -3.69 -8.07
N31 N97 D . -24.11 -5.88 -8.23
N40 N97 D . -26.46 -10.97 -7.55
O10 N97 D . -27.19 5.86 -2.32
O21 N97 D . -27.65 -1.07 -4.22
O9 N97 D . -25.49 5.16 -0.62
S29 N97 D . -26.68 -4.99 -6.15
S8 N97 D . -26.04 5.12 -1.92
CL18 N97 D . -26.75 1.43 -7.75
#